data_3LSA
#
_entry.id   3LSA
#
_cell.length_a   73.334
_cell.length_b   104.262
_cell.length_c   123.102
_cell.angle_alpha   90.00
_cell.angle_beta   90.00
_cell.angle_gamma   90.00
#
_symmetry.space_group_name_H-M   'P 21 21 21'
#
loop_
_entity.id
_entity.type
_entity.pdbx_description
1 polymer Padron0.9
2 non-polymer SPERMIDINE
3 non-polymer GLYCEROL
4 non-polymer 'SULFATE ION'
5 non-polymer '4-(2-HYDROXYETHYL)-1-PIPERAZINE ETHANESULFONIC ACID'
6 water water
#
_entity_poly.entity_id   1
_entity_poly.type   'polypeptide(L)'
_entity_poly.pdbx_seq_one_letter_code
;MRGSHHHHHHTDPMSVIKPDMKIKLRMEGAVNGHPFAIEGVGLGKPFEGKQSMDLKVKEGGPLPFAYDILTMAF(GYC)N
RVFAKYPENIVDYFKQSFPEGYSWERSMIYEDGGICNATNDITLDGDCYICEIRFDGVNFPANGPVMQKRTVKWELSTEK
LYVRDGVLKSDGNYALSLEGGGHYRCDFKTTYKAKKVVQLPDYHSVDHHIEIISHDKDYSNVNLHEHAEAHSELPRQAK
;
_entity_poly.pdbx_strand_id   A,B,C,D
#
# COMPACT_ATOMS: atom_id res chain seq x y z
N SER A 15 -27.20 -8.07 -34.51
CA SER A 15 -26.49 -7.92 -33.21
C SER A 15 -26.74 -9.14 -32.34
N VAL A 16 -25.88 -9.35 -31.35
CA VAL A 16 -26.04 -10.46 -30.42
C VAL A 16 -26.54 -10.02 -29.04
N ILE A 17 -26.55 -8.72 -28.78
CA ILE A 17 -27.04 -8.19 -27.51
C ILE A 17 -28.54 -7.91 -27.60
N LYS A 18 -29.34 -8.74 -26.93
CA LYS A 18 -30.80 -8.61 -26.92
C LYS A 18 -31.27 -7.76 -25.74
N PRO A 19 -32.49 -7.18 -25.81
CA PRO A 19 -32.96 -6.35 -24.68
C PRO A 19 -33.19 -7.13 -23.39
N ASP A 20 -33.49 -8.43 -23.51
CA ASP A 20 -33.61 -9.32 -22.34
C ASP A 20 -32.67 -10.50 -22.50
N MET A 21 -31.80 -10.71 -21.51
N MET A 21 -31.77 -10.68 -21.53
CA MET A 21 -30.78 -11.75 -21.54
CA MET A 21 -30.82 -11.79 -21.55
C MET A 21 -30.76 -12.58 -20.24
C MET A 21 -30.94 -12.66 -20.30
N LYS A 22 -30.32 -13.83 -20.35
CA LYS A 22 -30.26 -14.74 -19.20
C LYS A 22 -28.83 -14.92 -18.73
N ILE A 23 -28.68 -15.48 -17.52
CA ILE A 23 -27.36 -15.64 -16.91
C ILE A 23 -27.25 -17.02 -16.27
N LYS A 24 -26.12 -17.68 -16.50
CA LYS A 24 -25.78 -18.95 -15.84
C LYS A 24 -24.37 -18.78 -15.28
N LEU A 25 -24.19 -19.05 -13.99
CA LEU A 25 -22.86 -18.90 -13.39
C LEU A 25 -22.53 -19.97 -12.36
N ARG A 26 -21.23 -20.19 -12.19
CA ARG A 26 -20.69 -21.00 -11.11
C ARG A 26 -19.43 -20.31 -10.56
N MET A 27 -19.40 -20.18 -9.25
CA MET A 27 -18.22 -19.69 -8.55
C MET A 27 -17.61 -20.84 -7.74
N GLU A 28 -16.31 -21.04 -7.88
CA GLU A 28 -15.59 -21.91 -6.95
C GLU A 28 -14.56 -21.04 -6.25
N GLY A 29 -14.38 -21.27 -4.95
CA GLY A 29 -13.41 -20.50 -4.21
C GLY A 29 -13.03 -21.00 -2.83
N ALA A 30 -12.37 -20.12 -2.10
CA ALA A 30 -12.01 -20.39 -0.71
C ALA A 30 -11.87 -19.05 -0.01
N VAL A 31 -12.15 -19.05 1.30
CA VAL A 31 -11.91 -17.87 2.14
C VAL A 31 -11.19 -18.36 3.39
N ASN A 32 -10.03 -17.75 3.69
CA ASN A 32 -9.15 -18.23 4.76
C ASN A 32 -8.89 -19.76 4.66
N GLY A 33 -8.78 -20.26 3.43
CA GLY A 33 -8.46 -21.67 3.17
C GLY A 33 -9.62 -22.65 3.24
N HIS A 34 -10.83 -22.14 3.42
N HIS A 34 -10.82 -22.10 3.40
CA HIS A 34 -11.98 -23.03 3.50
CA HIS A 34 -12.08 -22.86 3.48
C HIS A 34 -12.83 -22.93 2.24
C HIS A 34 -12.80 -22.85 2.13
N PRO A 35 -12.85 -24.00 1.43
CA PRO A 35 -13.43 -24.01 0.09
C PRO A 35 -14.97 -24.01 0.04
N PHE A 36 -15.51 -23.41 -1.01
CA PHE A 36 -16.96 -23.38 -1.23
C PHE A 36 -17.27 -23.32 -2.72
N ALA A 37 -18.53 -23.56 -3.06
CA ALA A 37 -18.98 -23.41 -4.44
C ALA A 37 -20.42 -22.92 -4.46
N ILE A 38 -20.69 -22.00 -5.38
CA ILE A 38 -22.00 -21.39 -5.51
C ILE A 38 -22.41 -21.39 -6.98
N GLU A 39 -23.68 -21.70 -7.24
CA GLU A 39 -24.22 -21.63 -8.58
C GLU A 39 -25.37 -20.62 -8.65
N GLY A 40 -25.52 -20.02 -9.84
CA GLY A 40 -26.55 -19.01 -10.03
C GLY A 40 -27.25 -19.06 -11.38
N VAL A 41 -28.51 -18.66 -11.38
N VAL A 41 -28.50 -18.63 -11.39
CA VAL A 41 -29.26 -18.42 -12.60
CA VAL A 41 -29.28 -18.43 -12.61
C VAL A 41 -29.94 -17.06 -12.47
C VAL A 41 -30.05 -17.12 -12.52
N GLY A 42 -29.96 -16.31 -13.57
CA GLY A 42 -30.50 -14.96 -13.53
C GLY A 42 -31.02 -14.39 -14.83
N LEU A 43 -31.54 -13.17 -14.71
CA LEU A 43 -32.15 -12.47 -15.84
C LEU A 43 -31.69 -11.02 -15.77
N GLY A 44 -31.40 -10.45 -16.94
CA GLY A 44 -30.91 -9.08 -17.00
C GLY A 44 -31.38 -8.30 -18.21
N LYS A 45 -31.20 -6.98 -18.14
CA LYS A 45 -31.53 -6.08 -19.25
C LYS A 45 -30.29 -5.25 -19.58
N PRO A 46 -29.50 -5.70 -20.57
CA PRO A 46 -28.19 -5.08 -20.81
C PRO A 46 -28.26 -3.57 -21.12
N PHE A 47 -29.31 -3.14 -21.80
CA PHE A 47 -29.44 -1.73 -22.14
C PHE A 47 -30.00 -0.87 -21.01
N GLU A 48 -30.69 -1.51 -20.07
CA GLU A 48 -31.23 -0.81 -18.91
C GLU A 48 -30.24 -0.81 -17.73
N GLY A 49 -29.22 -1.67 -17.82
CA GLY A 49 -28.21 -1.76 -16.78
C GLY A 49 -28.75 -2.39 -15.51
N LYS A 50 -29.59 -3.41 -15.67
CA LYS A 50 -30.21 -4.08 -14.53
C LYS A 50 -30.07 -5.58 -14.68
N GLN A 51 -29.83 -6.26 -13.56
CA GLN A 51 -29.88 -7.71 -13.52
C GLN A 51 -30.33 -8.20 -12.15
N SER A 52 -30.89 -9.40 -12.14
CA SER A 52 -31.25 -10.06 -10.90
C SER A 52 -30.87 -11.52 -11.03
N MET A 53 -30.40 -12.13 -9.94
CA MET A 53 -30.08 -13.55 -9.98
C MET A 53 -30.38 -14.27 -8.67
N ASP A 54 -30.65 -15.56 -8.79
CA ASP A 54 -30.82 -16.43 -7.63
C ASP A 54 -29.56 -17.26 -7.48
N LEU A 55 -28.99 -17.24 -6.28
CA LEU A 55 -27.73 -17.92 -5.99
C LEU A 55 -27.92 -19.01 -4.95
N LYS A 56 -27.31 -20.15 -5.20
CA LYS A 56 -27.43 -21.31 -4.31
C LYS A 56 -26.06 -21.89 -3.95
N VAL A 57 -25.79 -22.02 -2.66
CA VAL A 57 -24.53 -22.60 -2.18
C VAL A 57 -24.60 -24.11 -2.40
N LYS A 58 -23.63 -24.65 -3.15
CA LYS A 58 -23.59 -26.07 -3.52
C LYS A 58 -22.59 -26.87 -2.69
N GLU A 59 -21.52 -26.20 -2.24
CA GLU A 59 -20.47 -26.84 -1.45
C GLU A 59 -19.96 -25.84 -0.41
N GLY A 60 -19.57 -26.35 0.76
CA GLY A 60 -18.93 -25.53 1.81
C GLY A 60 -19.88 -24.72 2.69
N GLY A 61 -21.16 -25.05 2.65
CA GLY A 61 -22.15 -24.39 3.50
C GLY A 61 -22.29 -25.02 4.87
N PRO A 62 -22.80 -24.26 5.87
CA PRO A 62 -23.16 -22.84 5.72
C PRO A 62 -21.91 -21.94 5.69
N LEU A 63 -21.89 -20.96 4.78
CA LEU A 63 -20.68 -20.13 4.62
C LEU A 63 -20.30 -19.43 5.95
N PRO A 64 -19.03 -19.55 6.38
CA PRO A 64 -18.60 -18.94 7.64
C PRO A 64 -18.12 -17.48 7.51
N PHE A 65 -18.50 -16.80 6.43
CA PHE A 65 -18.06 -15.41 6.19
C PHE A 65 -19.19 -14.58 5.60
N ALA A 66 -19.02 -13.26 5.64
CA ALA A 66 -20.02 -12.31 5.12
C ALA A 66 -20.23 -12.48 3.63
N TYR A 67 -21.47 -12.78 3.22
CA TYR A 67 -21.78 -12.98 1.80
C TYR A 67 -21.44 -11.74 0.98
N ASP A 68 -21.51 -10.57 1.61
CA ASP A 68 -21.22 -9.30 0.90
C ASP A 68 -19.87 -9.27 0.15
N ILE A 69 -18.87 -10.02 0.63
CA ILE A 69 -17.58 -10.01 -0.06
C ILE A 69 -17.64 -10.70 -1.42
N LEU A 70 -18.73 -11.44 -1.68
CA LEU A 70 -18.88 -12.17 -2.96
C LEU A 70 -19.68 -11.45 -4.02
N THR A 71 -20.49 -10.46 -3.64
CA THR A 71 -21.58 -10.03 -4.52
C THR A 71 -21.12 -9.34 -5.81
N MET A 72 -20.06 -8.54 -5.72
N MET A 72 -20.05 -8.56 -5.73
CA MET A 72 -19.51 -7.90 -6.93
CA MET A 72 -19.53 -7.90 -6.93
C MET A 72 -18.91 -8.92 -7.88
C MET A 72 -18.74 -8.84 -7.85
N ALA A 73 -18.44 -10.04 -7.36
CA ALA A 73 -17.91 -11.12 -8.21
C ALA A 73 -19.05 -11.72 -9.06
N PHE A 74 -20.24 -11.86 -8.47
CA PHE A 74 -21.42 -12.36 -9.20
C PHE A 74 -21.92 -11.32 -10.21
N ASN A 76 -20.51 -8.58 -14.22
CA ASN A 76 -20.60 -8.54 -15.71
C ASN A 76 -21.03 -7.16 -16.20
N ARG A 77 -20.07 -6.40 -16.72
CA ARG A 77 -20.33 -5.00 -17.10
C ARG A 77 -21.12 -4.83 -18.40
N VAL A 78 -21.45 -5.94 -19.05
CA VAL A 78 -22.42 -5.89 -20.13
C VAL A 78 -23.79 -5.39 -19.61
N PHE A 79 -24.06 -5.63 -18.32
CA PHE A 79 -25.24 -5.08 -17.64
C PHE A 79 -24.95 -3.73 -16.98
N ALA A 80 -24.64 -2.75 -17.83
CA ALA A 80 -24.47 -1.37 -17.41
C ALA A 80 -25.01 -0.51 -18.53
N LYS A 81 -25.78 0.52 -18.18
CA LYS A 81 -26.36 1.42 -19.15
C LYS A 81 -25.30 2.43 -19.60
N TYR A 82 -24.86 2.29 -20.86
CA TYR A 82 -23.91 3.20 -21.46
C TYR A 82 -24.65 4.19 -22.36
N PRO A 83 -24.42 5.50 -22.14
CA PRO A 83 -24.97 6.50 -23.06
C PRO A 83 -24.19 6.53 -24.36
N GLU A 84 -24.71 7.22 -25.36
CA GLU A 84 -24.18 7.18 -26.73
C GLU A 84 -22.77 7.77 -26.87
N ASN A 85 -22.41 8.67 -25.98
CA ASN A 85 -21.13 9.37 -26.09
C ASN A 85 -20.00 8.71 -25.28
N ILE A 86 -20.25 7.49 -24.82
CA ILE A 86 -19.19 6.69 -24.17
C ILE A 86 -19.09 5.34 -24.87
N VAL A 87 -17.87 4.97 -25.25
CA VAL A 87 -17.60 3.72 -25.94
C VAL A 87 -17.84 2.57 -24.96
N ASP A 88 -18.59 1.55 -25.43
CA ASP A 88 -18.97 0.42 -24.60
C ASP A 88 -18.11 -0.79 -24.92
N TYR A 89 -17.06 -0.97 -24.12
CA TYR A 89 -16.07 -2.02 -24.30
C TYR A 89 -16.70 -3.41 -24.28
N PHE A 90 -17.69 -3.56 -23.41
CA PHE A 90 -18.24 -4.85 -23.03
C PHE A 90 -19.24 -5.36 -24.05
N LYS A 91 -20.15 -4.51 -24.49
CA LYS A 91 -21.12 -4.93 -25.49
C LYS A 91 -20.47 -5.24 -26.83
N GLN A 92 -19.38 -4.53 -27.13
CA GLN A 92 -18.61 -4.79 -28.36
C GLN A 92 -17.95 -6.17 -28.38
N SER A 93 -17.62 -6.70 -27.19
CA SER A 93 -16.76 -7.89 -27.08
C SER A 93 -17.45 -9.19 -27.47
N PHE A 94 -18.77 -9.16 -27.53
CA PHE A 94 -19.53 -10.36 -27.87
C PHE A 94 -19.74 -10.52 -29.38
N PRO A 95 -19.94 -11.78 -29.85
CA PRO A 95 -20.13 -13.03 -29.10
C PRO A 95 -18.91 -13.67 -28.44
N GLU A 96 -17.69 -13.28 -28.84
CA GLU A 96 -16.46 -13.87 -28.29
C GLU A 96 -16.37 -13.74 -26.76
N GLY A 97 -16.70 -12.57 -26.25
CA GLY A 97 -16.75 -12.35 -24.81
C GLY A 97 -15.54 -11.63 -24.24
N TYR A 98 -15.40 -11.70 -22.92
CA TYR A 98 -14.28 -11.08 -22.24
C TYR A 98 -14.02 -11.77 -20.91
N SER A 99 -12.91 -11.41 -20.28
CA SER A 99 -12.60 -11.92 -18.95
C SER A 99 -12.19 -10.77 -18.08
N TRP A 100 -12.29 -10.96 -16.76
CA TRP A 100 -11.69 -10.02 -15.84
C TRP A 100 -10.90 -10.67 -14.72
N GLU A 101 -10.00 -9.87 -14.16
CA GLU A 101 -9.15 -10.28 -13.03
C GLU A 101 -9.25 -9.13 -12.03
N ARG A 102 -9.30 -9.45 -10.75
CA ARG A 102 -9.63 -8.42 -9.76
C ARG A 102 -8.97 -8.67 -8.41
N SER A 103 -8.48 -7.61 -7.78
N SER A 103 -8.49 -7.61 -7.78
CA SER A 103 -8.06 -7.68 -6.38
CA SER A 103 -8.12 -7.67 -6.37
C SER A 103 -8.89 -6.72 -5.54
C SER A 103 -9.00 -6.76 -5.57
N MET A 104 -9.20 -7.15 -4.32
CA MET A 104 -10.04 -6.40 -3.38
C MET A 104 -9.29 -6.36 -2.06
N ILE A 105 -8.83 -5.17 -1.69
CA ILE A 105 -8.00 -5.04 -0.51
C ILE A 105 -8.79 -4.35 0.59
N TYR A 106 -9.10 -5.09 1.66
CA TYR A 106 -9.84 -4.55 2.82
C TYR A 106 -8.96 -3.83 3.83
N GLU A 107 -9.53 -2.86 4.53
CA GLU A 107 -8.71 -2.02 5.39
C GLU A 107 -8.09 -2.73 6.59
N ASP A 108 -8.62 -3.88 6.95
CA ASP A 108 -8.05 -4.64 8.07
C ASP A 108 -7.14 -5.77 7.58
N GLY A 109 -6.76 -5.72 6.31
CA GLY A 109 -5.72 -6.60 5.74
C GLY A 109 -6.23 -7.84 5.04
N GLY A 110 -7.53 -8.09 5.09
CA GLY A 110 -8.10 -9.15 4.26
C GLY A 110 -7.91 -8.78 2.79
N ILE A 111 -7.52 -9.75 1.97
CA ILE A 111 -7.36 -9.51 0.53
C ILE A 111 -8.00 -10.64 -0.25
N CYS A 112 -8.83 -10.28 -1.23
CA CYS A 112 -9.48 -11.28 -2.07
C CYS A 112 -9.06 -11.06 -3.50
N ASN A 113 -8.81 -12.15 -4.19
N ASN A 113 -8.79 -12.13 -4.22
CA ASN A 113 -8.56 -12.16 -5.63
CA ASN A 113 -8.68 -12.00 -5.65
C ASN A 113 -9.74 -12.87 -6.30
C ASN A 113 -9.59 -12.96 -6.40
N ALA A 114 -10.08 -12.47 -7.53
CA ALA A 114 -11.12 -13.18 -8.27
C ALA A 114 -10.89 -13.05 -9.76
N THR A 115 -11.40 -14.01 -10.50
CA THR A 115 -11.36 -13.96 -11.95
C THR A 115 -12.71 -14.41 -12.48
N ASN A 116 -13.07 -13.90 -13.64
CA ASN A 116 -14.31 -14.32 -14.32
C ASN A 116 -14.03 -14.43 -15.80
N ASP A 117 -14.53 -15.49 -16.41
CA ASP A 117 -14.47 -15.66 -17.84
C ASP A 117 -15.90 -15.72 -18.34
N ILE A 118 -16.26 -14.78 -19.20
CA ILE A 118 -17.65 -14.62 -19.63
C ILE A 118 -17.80 -14.96 -21.11
N THR A 119 -18.65 -15.95 -21.38
CA THR A 119 -18.96 -16.33 -22.75
C THR A 119 -20.46 -16.21 -23.00
N LEU A 120 -20.85 -16.36 -24.25
CA LEU A 120 -22.25 -16.23 -24.65
C LEU A 120 -22.70 -17.48 -25.38
N ASP A 121 -23.83 -18.03 -24.94
CA ASP A 121 -24.48 -19.13 -25.63
C ASP A 121 -25.93 -18.75 -25.85
N GLY A 122 -26.28 -18.50 -27.11
CA GLY A 122 -27.60 -18.01 -27.46
C GLY A 122 -27.84 -16.64 -26.82
N ASP A 123 -28.87 -16.57 -25.97
CA ASP A 123 -29.18 -15.35 -25.24
C ASP A 123 -28.74 -15.44 -23.77
N CYS A 124 -27.79 -16.33 -23.49
CA CYS A 124 -27.37 -16.61 -22.13
C CYS A 124 -25.87 -16.36 -21.91
N TYR A 125 -25.55 -15.49 -20.94
CA TYR A 125 -24.16 -15.30 -20.51
C TYR A 125 -23.79 -16.42 -19.56
N ILE A 126 -22.62 -17.02 -19.80
CA ILE A 126 -22.11 -18.08 -18.96
C ILE A 126 -20.88 -17.52 -18.27
N CYS A 127 -20.86 -17.57 -16.94
CA CYS A 127 -19.75 -17.05 -16.16
C CYS A 127 -19.09 -18.12 -15.33
N GLU A 128 -17.76 -18.19 -15.45
N GLU A 128 -17.75 -18.20 -15.45
CA GLU A 128 -16.93 -19.12 -14.69
CA GLU A 128 -16.96 -19.13 -14.66
C GLU A 128 -16.06 -18.28 -13.75
C GLU A 128 -16.04 -18.31 -13.75
N ILE A 129 -16.38 -18.32 -12.46
CA ILE A 129 -15.72 -17.47 -11.46
C ILE A 129 -14.82 -18.23 -10.47
N ARG A 130 -13.64 -17.68 -10.21
CA ARG A 130 -12.78 -18.18 -9.16
C ARG A 130 -12.64 -17.08 -8.13
N PHE A 131 -12.73 -17.45 -6.85
CA PHE A 131 -12.66 -16.45 -5.77
C PHE A 131 -11.77 -16.94 -4.64
N ASP A 132 -10.79 -16.13 -4.25
CA ASP A 132 -9.88 -16.52 -3.18
C ASP A 132 -9.57 -15.36 -2.23
N GLY A 133 -10.01 -15.52 -0.98
CA GLY A 133 -9.77 -14.53 0.07
C GLY A 133 -8.87 -15.09 1.18
N VAL A 134 -7.99 -14.24 1.70
CA VAL A 134 -7.05 -14.65 2.75
C VAL A 134 -6.87 -13.52 3.77
N ASN A 135 -6.40 -13.89 4.96
CA ASN A 135 -6.01 -12.92 5.99
C ASN A 135 -7.14 -12.05 6.57
N PHE A 136 -8.38 -12.55 6.53
CA PHE A 136 -9.45 -11.88 7.27
C PHE A 136 -9.35 -12.23 8.75
N PRO A 137 -9.23 -11.21 9.61
CA PRO A 137 -9.10 -11.43 11.07
C PRO A 137 -10.31 -12.17 11.62
N ALA A 138 -10.09 -13.06 12.59
CA ALA A 138 -11.18 -13.85 13.17
C ALA A 138 -12.29 -13.01 13.81
N ASN A 139 -11.92 -11.86 14.39
N ASN A 139 -11.92 -11.86 14.39
CA ASN A 139 -12.87 -10.97 15.02
CA ASN A 139 -12.86 -10.96 15.04
C ASN A 139 -13.21 -9.72 14.19
C ASN A 139 -13.31 -9.79 14.17
N GLY A 140 -12.94 -9.81 12.88
CA GLY A 140 -13.31 -8.74 11.94
C GLY A 140 -14.74 -8.87 11.45
N PRO A 141 -15.24 -7.86 10.71
CA PRO A 141 -16.65 -7.88 10.30
C PRO A 141 -16.97 -8.91 9.23
N VAL A 142 -15.96 -9.38 8.49
CA VAL A 142 -16.18 -10.42 7.48
C VAL A 142 -16.39 -11.80 8.15
N MET A 143 -15.46 -12.19 9.00
CA MET A 143 -15.61 -13.47 9.70
C MET A 143 -16.72 -13.48 10.78
N GLN A 144 -17.10 -12.31 11.27
N GLN A 144 -17.09 -12.31 11.29
CA GLN A 144 -18.16 -12.22 12.29
CA GLN A 144 -18.17 -12.24 12.29
C GLN A 144 -19.50 -11.79 11.70
C GLN A 144 -19.54 -11.95 11.69
N LYS A 145 -19.57 -11.76 10.37
CA LYS A 145 -20.81 -11.44 9.61
C LYS A 145 -21.55 -10.21 10.10
N ARG A 146 -20.80 -9.11 10.16
CA ARG A 146 -21.29 -7.85 10.70
C ARG A 146 -21.56 -6.78 9.65
N THR A 147 -21.55 -7.17 8.38
CA THR A 147 -21.74 -6.21 7.27
C THR A 147 -23.23 -6.11 6.92
N VAL A 148 -23.65 -4.94 6.43
CA VAL A 148 -25.07 -4.73 6.14
C VAL A 148 -25.33 -4.66 4.62
N LYS A 149 -24.62 -3.76 3.94
CA LYS A 149 -24.78 -3.53 2.50
C LYS A 149 -23.61 -2.72 1.98
N TRP A 150 -23.33 -2.82 0.68
CA TRP A 150 -22.41 -1.91 0.01
C TRP A 150 -23.08 -0.57 -0.22
N GLU A 151 -22.35 0.52 -0.01
CA GLU A 151 -22.82 1.84 -0.42
C GLU A 151 -22.75 1.93 -1.94
N LEU A 152 -23.35 2.96 -2.53
CA LEU A 152 -23.21 3.20 -3.98
C LEU A 152 -21.74 3.22 -4.35
N SER A 153 -21.38 2.41 -5.34
CA SER A 153 -19.96 2.20 -5.68
C SER A 153 -19.65 2.83 -7.02
N THR A 154 -18.67 3.73 -7.05
CA THR A 154 -18.29 4.43 -8.28
C THR A 154 -16.99 3.85 -8.80
N GLU A 155 -17.10 3.12 -9.92
CA GLU A 155 -15.95 2.50 -10.59
C GLU A 155 -15.34 3.49 -11.58
N LYS A 156 -14.02 3.68 -11.56
CA LYS A 156 -13.38 4.58 -12.55
C LYS A 156 -12.55 3.77 -13.52
N LEU A 157 -12.88 3.90 -14.80
CA LEU A 157 -12.30 3.06 -15.85
C LEU A 157 -11.39 3.84 -16.80
N TYR A 158 -10.25 3.22 -17.13
CA TYR A 158 -9.26 3.85 -17.99
C TYR A 158 -8.48 2.77 -18.73
N VAL A 159 -8.01 3.11 -19.91
CA VAL A 159 -7.21 2.20 -20.72
C VAL A 159 -5.74 2.23 -20.33
N ARG A 160 -5.11 1.06 -20.29
CA ARG A 160 -3.66 0.94 -20.19
C ARG A 160 -3.20 -0.34 -20.89
N ASP A 161 -2.14 -0.24 -21.69
CA ASP A 161 -1.58 -1.40 -22.41
C ASP A 161 -2.64 -2.08 -23.27
N GLY A 162 -3.50 -1.29 -23.92
CA GLY A 162 -4.48 -1.84 -24.85
C GLY A 162 -5.64 -2.63 -24.22
N VAL A 163 -5.74 -2.60 -22.89
CA VAL A 163 -6.88 -3.24 -22.20
C VAL A 163 -7.52 -2.24 -21.24
N LEU A 164 -8.64 -2.62 -20.63
CA LEU A 164 -9.38 -1.68 -19.80
C LEU A 164 -9.17 -1.98 -18.32
N LYS A 165 -8.75 -0.96 -17.58
CA LYS A 165 -8.54 -1.11 -16.14
C LYS A 165 -9.56 -0.29 -15.36
N SER A 166 -9.78 -0.66 -14.10
CA SER A 166 -10.66 0.13 -13.27
C SER A 166 -10.24 0.03 -11.81
N ASP A 167 -10.70 0.98 -11.02
N ASP A 167 -10.68 1.03 -11.04
CA ASP A 167 -10.60 0.84 -9.58
CA ASP A 167 -10.45 1.14 -9.60
C ASP A 167 -11.68 1.65 -8.90
C ASP A 167 -11.72 1.65 -8.92
N GLY A 168 -11.86 1.38 -7.62
CA GLY A 168 -12.91 1.98 -6.83
C GLY A 168 -12.55 1.93 -5.36
N ASN A 169 -12.99 2.94 -4.61
N ASN A 169 -13.05 2.91 -4.61
CA ASN A 169 -12.84 2.94 -3.16
CA ASN A 169 -12.87 3.01 -3.16
C ASN A 169 -14.23 2.77 -2.59
C ASN A 169 -14.23 2.78 -2.52
N TYR A 170 -14.53 1.54 -2.20
CA TYR A 170 -15.89 1.18 -1.79
C TYR A 170 -16.01 1.02 -0.28
N ALA A 171 -17.24 0.95 0.19
CA ALA A 171 -17.48 0.87 1.62
C ALA A 171 -18.68 -0.02 1.93
N LEU A 172 -18.47 -0.95 2.85
CA LEU A 172 -19.55 -1.71 3.46
C LEU A 172 -20.05 -1.00 4.72
N SER A 173 -21.36 -0.79 4.84
CA SER A 173 -21.92 -0.31 6.10
C SER A 173 -21.94 -1.48 7.10
N LEU A 174 -21.73 -1.16 8.37
CA LEU A 174 -21.62 -2.17 9.42
C LEU A 174 -22.81 -2.17 10.38
N GLU A 175 -23.11 -3.34 10.93
CA GLU A 175 -24.16 -3.45 11.93
C GLU A 175 -23.76 -2.61 13.15
N GLY A 176 -24.65 -1.76 13.62
CA GLY A 176 -24.31 -0.84 14.70
C GLY A 176 -23.84 0.52 14.20
N GLY A 177 -23.43 0.59 12.94
CA GLY A 177 -23.03 1.86 12.34
C GLY A 177 -21.57 1.86 11.93
N GLY A 178 -21.19 2.86 11.15
CA GLY A 178 -19.82 2.96 10.63
C GLY A 178 -19.62 2.17 9.35
N HIS A 179 -18.43 2.32 8.76
CA HIS A 179 -18.12 1.70 7.49
C HIS A 179 -16.82 0.90 7.53
N TYR A 180 -16.73 -0.02 6.57
CA TYR A 180 -15.59 -0.91 6.44
C TYR A 180 -15.14 -0.80 4.98
N ARG A 181 -13.91 -0.31 4.79
CA ARG A 181 -13.44 0.12 3.46
C ARG A 181 -12.73 -0.97 2.69
N CYS A 182 -12.94 -0.98 1.39
CA CYS A 182 -12.31 -1.91 0.46
C CYS A 182 -11.94 -1.19 -0.83
N ASP A 183 -10.72 -1.41 -1.30
CA ASP A 183 -10.28 -0.89 -2.60
C ASP A 183 -10.26 -2.00 -3.64
N PHE A 184 -10.93 -1.75 -4.76
CA PHE A 184 -11.05 -2.70 -5.87
C PHE A 184 -10.10 -2.29 -6.99
N LYS A 185 -9.45 -3.27 -7.60
N LYS A 185 -9.52 -3.29 -7.66
CA LYS A 185 -8.71 -3.02 -8.84
CA LYS A 185 -8.63 -3.08 -8.80
C LYS A 185 -9.06 -4.16 -9.79
C LYS A 185 -8.88 -4.17 -9.86
N THR A 186 -9.45 -3.80 -11.01
CA THR A 186 -9.86 -4.78 -12.01
C THR A 186 -9.16 -4.56 -13.35
N THR A 187 -8.88 -5.65 -14.05
CA THR A 187 -8.44 -5.58 -15.44
C THR A 187 -9.45 -6.37 -16.27
N TYR A 188 -9.99 -5.71 -17.30
CA TYR A 188 -10.93 -6.34 -18.25
C TYR A 188 -10.20 -6.64 -19.56
N LYS A 189 -10.39 -7.83 -20.11
CA LYS A 189 -9.73 -8.22 -21.37
C LYS A 189 -10.73 -8.81 -22.37
N ALA A 190 -11.04 -8.02 -23.39
CA ALA A 190 -11.89 -8.51 -24.50
C ALA A 190 -11.16 -9.59 -25.29
N LYS A 191 -11.90 -10.56 -25.81
CA LYS A 191 -11.31 -11.68 -26.54
C LYS A 191 -11.22 -11.43 -28.05
N LYS A 192 -11.41 -10.17 -28.44
CA LYS A 192 -11.19 -9.71 -29.80
C LYS A 192 -10.88 -8.22 -29.76
N VAL A 193 -10.42 -7.67 -30.88
CA VAL A 193 -10.11 -6.24 -30.96
C VAL A 193 -11.41 -5.43 -30.97
N VAL A 194 -11.54 -4.54 -29.99
CA VAL A 194 -12.71 -3.65 -29.89
C VAL A 194 -12.23 -2.20 -29.82
N GLN A 195 -13.15 -1.25 -30.01
CA GLN A 195 -12.82 0.15 -29.79
C GLN A 195 -12.65 0.38 -28.29
N LEU A 196 -11.57 1.06 -27.93
CA LEU A 196 -11.27 1.36 -26.53
C LEU A 196 -11.94 2.66 -26.09
N PRO A 197 -12.49 2.67 -24.86
CA PRO A 197 -13.18 3.86 -24.36
C PRO A 197 -12.22 4.92 -23.79
N ASP A 198 -12.68 6.17 -23.77
CA ASP A 198 -12.07 7.22 -22.94
C ASP A 198 -12.37 6.97 -21.45
N TYR A 199 -11.64 7.68 -20.60
CA TYR A 199 -11.88 7.68 -19.16
C TYR A 199 -13.35 7.93 -18.83
N HIS A 200 -13.91 7.13 -17.93
CA HIS A 200 -15.31 7.31 -17.53
C HIS A 200 -15.60 6.60 -16.23
N SER A 201 -16.82 6.76 -15.70
CA SER A 201 -17.20 6.09 -14.47
CA SER A 201 -17.22 6.13 -14.45
C SER A 201 -18.47 5.28 -14.65
N VAL A 202 -18.62 4.27 -13.81
CA VAL A 202 -19.88 3.52 -13.72
C VAL A 202 -20.31 3.56 -12.26
N ASP A 203 -21.55 4.01 -12.01
CA ASP A 203 -22.12 3.95 -10.68
C ASP A 203 -22.82 2.60 -10.55
N HIS A 204 -22.57 1.91 -9.44
CA HIS A 204 -23.17 0.60 -9.19
C HIS A 204 -23.99 0.62 -7.91
N HIS A 205 -25.23 0.14 -7.98
CA HIS A 205 -26.03 -0.16 -6.81
C HIS A 205 -26.23 -1.68 -6.76
N ILE A 206 -25.71 -2.32 -5.72
CA ILE A 206 -25.79 -3.77 -5.55
C ILE A 206 -26.51 -4.08 -4.24
N GLU A 207 -27.42 -5.06 -4.28
CA GLU A 207 -28.32 -5.26 -3.16
C GLU A 207 -28.76 -6.71 -3.06
N ILE A 208 -28.56 -7.31 -1.89
CA ILE A 208 -29.19 -8.60 -1.60
C ILE A 208 -30.65 -8.31 -1.24
N ILE A 209 -31.55 -8.77 -2.12
CA ILE A 209 -32.99 -8.50 -1.97
C ILE A 209 -33.62 -9.42 -0.92
N SER A 210 -33.25 -10.69 -0.97
CA SER A 210 -33.72 -11.68 0.00
C SER A 210 -32.65 -12.74 0.16
N HIS A 211 -32.69 -13.43 1.29
CA HIS A 211 -31.78 -14.52 1.61
C HIS A 211 -32.40 -15.36 2.69
N ASP A 212 -32.02 -16.63 2.76
CA ASP A 212 -32.39 -17.46 3.91
C ASP A 212 -31.35 -17.30 5.02
N LYS A 213 -31.63 -17.90 6.17
CA LYS A 213 -30.86 -17.67 7.40
C LYS A 213 -29.35 -17.78 7.24
N ASP A 214 -28.87 -18.84 6.59
CA ASP A 214 -27.45 -19.05 6.39
C ASP A 214 -26.93 -18.62 5.01
N TYR A 215 -27.76 -17.88 4.25
CA TYR A 215 -27.38 -17.38 2.92
C TYR A 215 -27.13 -18.47 1.87
N SER A 216 -27.66 -19.68 2.13
CA SER A 216 -27.55 -20.78 1.17
C SER A 216 -28.40 -20.48 -0.07
N ASN A 217 -29.39 -19.60 0.09
CA ASN A 217 -30.20 -19.11 -1.01
C ASN A 217 -30.25 -17.59 -0.95
N VAL A 218 -29.83 -16.95 -2.04
CA VAL A 218 -29.75 -15.49 -2.11
C VAL A 218 -30.37 -14.98 -3.41
N ASN A 219 -31.15 -13.91 -3.32
CA ASN A 219 -31.53 -13.15 -4.50
C ASN A 219 -30.79 -11.82 -4.51
N LEU A 220 -30.04 -11.61 -5.59
CA LEU A 220 -29.13 -10.47 -5.71
C LEU A 220 -29.57 -9.61 -6.88
N HIS A 221 -29.57 -8.29 -6.69
CA HIS A 221 -29.93 -7.37 -7.76
C HIS A 221 -28.82 -6.34 -7.98
N GLU A 222 -28.61 -5.93 -9.24
CA GLU A 222 -27.65 -4.85 -9.53
C GLU A 222 -28.22 -3.86 -10.55
N HIS A 223 -27.89 -2.58 -10.36
CA HIS A 223 -28.23 -1.53 -11.31
C HIS A 223 -26.97 -0.70 -11.54
N ALA A 224 -26.61 -0.49 -12.79
CA ALA A 224 -25.36 0.18 -13.12
C ALA A 224 -25.51 1.12 -14.32
N GLU A 225 -24.90 2.29 -14.23
CA GLU A 225 -25.01 3.32 -15.25
C GLU A 225 -23.66 4.02 -15.45
N ALA A 226 -23.23 4.13 -16.69
CA ALA A 226 -21.99 4.83 -17.01
C ALA A 226 -22.21 6.34 -17.15
N HIS A 227 -21.21 7.11 -16.73
CA HIS A 227 -21.22 8.58 -16.78
C HIS A 227 -19.86 9.09 -17.20
N SER A 228 -19.83 10.27 -17.81
CA SER A 228 -18.59 11.04 -17.97
C SER A 228 -18.90 12.53 -18.10
N SER B 15 -26.30 34.42 8.98
CA SER B 15 -25.22 33.44 8.63
C SER B 15 -23.94 34.15 8.20
N VAL B 16 -22.81 33.62 8.64
CA VAL B 16 -21.51 34.19 8.31
C VAL B 16 -21.07 33.77 6.91
N ILE B 17 -21.94 33.04 6.22
CA ILE B 17 -21.68 32.57 4.87
C ILE B 17 -22.48 33.36 3.83
N LYS B 18 -21.77 34.15 3.04
CA LYS B 18 -22.38 35.00 2.02
C LYS B 18 -22.35 34.28 0.66
N PRO B 19 -23.22 34.72 -0.28
CA PRO B 19 -23.23 34.14 -1.63
C PRO B 19 -21.94 34.38 -2.39
N ASP B 20 -21.23 35.47 -2.06
CA ASP B 20 -19.92 35.76 -2.63
C ASP B 20 -18.92 35.94 -1.49
N MET B 21 -17.88 35.12 -1.51
N MET B 21 -17.86 35.13 -1.50
CA MET B 21 -16.83 35.15 -0.49
CA MET B 21 -16.84 35.20 -0.46
C MET B 21 -15.48 35.44 -1.15
C MET B 21 -15.42 35.15 -1.03
N LYS B 22 -14.50 35.81 -0.34
CA LYS B 22 -13.13 35.96 -0.80
C LYS B 22 -12.24 34.88 -0.20
N ILE B 23 -11.08 34.67 -0.82
CA ILE B 23 -10.11 33.66 -0.34
C ILE B 23 -8.73 34.29 -0.34
N LYS B 24 -7.99 34.07 0.75
CA LYS B 24 -6.57 34.40 0.82
C LYS B 24 -5.87 33.18 1.36
N LEU B 25 -4.78 32.80 0.71
CA LEU B 25 -4.07 31.60 1.18
C LEU B 25 -2.57 31.70 0.98
N ARG B 26 -1.87 30.89 1.77
CA ARG B 26 -0.44 30.72 1.63
C ARG B 26 -0.11 29.26 1.82
N MET B 27 0.65 28.72 0.87
CA MET B 27 1.19 27.37 0.98
C MET B 27 2.71 27.43 1.16
N GLU B 28 3.22 26.69 2.14
N GLU B 28 3.22 26.72 2.15
CA GLU B 28 4.64 26.48 2.29
CA GLU B 28 4.65 26.49 2.28
C GLU B 28 4.84 24.98 2.12
C GLU B 28 4.84 24.99 2.12
N GLY B 29 5.87 24.60 1.38
CA GLY B 29 6.08 23.20 1.11
C GLY B 29 7.44 22.84 0.60
N ALA B 30 7.54 21.56 0.27
CA ALA B 30 8.70 21.02 -0.38
C ALA B 30 8.30 19.82 -1.20
N VAL B 31 9.02 19.61 -2.29
CA VAL B 31 8.86 18.41 -3.11
C VAL B 31 10.26 17.85 -3.33
N ASN B 32 10.44 16.56 -2.99
CA ASN B 32 11.76 15.93 -2.99
C ASN B 32 12.83 16.79 -2.29
N GLY B 33 12.44 17.45 -1.20
CA GLY B 33 13.37 18.24 -0.41
C GLY B 33 13.66 19.64 -0.92
N HIS B 34 13.03 20.06 -1.99
N HIS B 34 12.99 20.05 -2.00
CA HIS B 34 13.26 21.41 -2.47
CA HIS B 34 13.06 21.40 -2.60
C HIS B 34 12.09 22.32 -2.09
C HIS B 34 11.97 22.31 -2.04
N PRO B 35 12.34 23.32 -1.23
CA PRO B 35 11.27 24.16 -0.66
C PRO B 35 10.74 25.23 -1.60
N PHE B 36 9.48 25.60 -1.38
CA PHE B 36 8.81 26.64 -2.13
C PHE B 36 7.68 27.24 -1.28
N ALA B 37 7.15 28.38 -1.73
CA ALA B 37 6.01 29.00 -1.09
C ALA B 37 5.18 29.66 -2.18
N ILE B 38 3.85 29.54 -2.05
CA ILE B 38 2.94 30.14 -3.03
C ILE B 38 1.86 30.89 -2.26
N GLU B 39 1.48 32.07 -2.74
CA GLU B 39 0.38 32.81 -2.15
C GLU B 39 -0.76 32.95 -3.17
N GLY B 40 -1.98 32.97 -2.67
CA GLY B 40 -3.16 33.02 -3.52
C GLY B 40 -4.21 34.00 -3.04
N VAL B 41 -4.92 34.59 -3.99
CA VAL B 41 -6.12 35.37 -3.67
C VAL B 41 -7.23 34.92 -4.60
N GLY B 42 -8.44 34.84 -4.08
CA GLY B 42 -9.51 34.35 -4.90
C GLY B 42 -10.90 34.78 -4.49
N LEU B 43 -11.86 34.26 -5.24
CA LEU B 43 -13.27 34.58 -5.08
C LEU B 43 -14.06 33.31 -5.34
N GLY B 44 -15.12 33.11 -4.58
CA GLY B 44 -15.95 31.93 -4.77
C GLY B 44 -17.40 32.13 -4.39
N LYS B 45 -18.21 31.14 -4.74
CA LYS B 45 -19.63 31.12 -4.47
C LYS B 45 -19.95 29.82 -3.73
N PRO B 46 -19.99 29.89 -2.38
CA PRO B 46 -20.13 28.66 -1.58
C PRO B 46 -21.38 27.86 -1.94
N PHE B 47 -22.50 28.52 -2.24
CA PHE B 47 -23.71 27.77 -2.54
C PHE B 47 -23.78 27.25 -3.97
N GLU B 48 -23.00 27.85 -4.88
CA GLU B 48 -22.94 27.36 -6.27
C GLU B 48 -21.90 26.26 -6.38
N GLY B 49 -21.02 26.21 -5.40
CA GLY B 49 -19.93 25.26 -5.39
C GLY B 49 -18.84 25.62 -6.39
N LYS B 50 -18.55 26.91 -6.52
CA LYS B 50 -17.58 27.38 -7.52
C LYS B 50 -16.57 28.29 -6.89
N GLN B 51 -15.33 28.22 -7.37
CA GLN B 51 -14.32 29.17 -6.93
C GLN B 51 -13.23 29.35 -7.97
N SER B 52 -12.56 30.49 -7.93
N SER B 52 -12.57 30.49 -7.91
CA SER B 52 -11.38 30.70 -8.75
CA SER B 52 -11.41 30.77 -8.75
C SER B 52 -10.36 31.57 -8.03
C SER B 52 -10.35 31.44 -7.88
N MET B 53 -9.09 31.29 -8.26
CA MET B 53 -8.00 31.98 -7.57
C MET B 53 -6.82 32.25 -8.46
N ASP B 54 -6.09 33.31 -8.16
CA ASP B 54 -4.81 33.58 -8.78
C ASP B 54 -3.70 33.24 -7.79
N LEU B 55 -2.74 32.45 -8.26
CA LEU B 55 -1.68 31.90 -7.42
C LEU B 55 -0.31 32.36 -7.91
N LYS B 56 0.52 32.79 -6.98
N LYS B 56 0.52 32.81 -6.98
CA LYS B 56 1.84 33.31 -7.33
CA LYS B 56 1.85 33.31 -7.32
C LYS B 56 2.94 32.66 -6.50
C LYS B 56 2.93 32.64 -6.50
N VAL B 57 3.94 32.10 -7.19
CA VAL B 57 5.11 31.51 -6.52
C VAL B 57 5.94 32.61 -5.89
N LYS B 58 6.16 32.53 -4.58
CA LYS B 58 6.92 33.57 -3.84
C LYS B 58 8.36 33.14 -3.55
N GLU B 59 8.57 31.84 -3.41
CA GLU B 59 9.89 31.27 -3.09
C GLU B 59 10.04 29.94 -3.83
N GLY B 60 11.26 29.59 -4.20
CA GLY B 60 11.55 28.28 -4.82
C GLY B 60 11.23 28.13 -6.30
N GLY B 61 10.91 29.25 -6.96
CA GLY B 61 10.67 29.23 -8.40
C GLY B 61 11.96 29.27 -9.22
N PRO B 62 11.92 28.78 -10.46
CA PRO B 62 10.77 28.13 -11.12
C PRO B 62 10.58 26.71 -10.57
N LEU B 63 9.33 26.33 -10.30
CA LEU B 63 9.03 25.03 -9.71
C LEU B 63 9.52 23.88 -10.61
N PRO B 64 10.33 22.96 -10.06
CA PRO B 64 10.87 21.89 -10.89
C PRO B 64 9.96 20.67 -10.98
N PHE B 65 8.67 20.81 -10.67
CA PHE B 65 7.74 19.67 -10.67
C PHE B 65 6.39 20.11 -11.24
N ALA B 66 5.59 19.13 -11.65
CA ALA B 66 4.25 19.37 -12.19
C ALA B 66 3.36 20.08 -11.20
N TYR B 67 2.85 21.23 -11.61
CA TYR B 67 1.97 22.03 -10.76
C TYR B 67 0.70 21.27 -10.36
N ASP B 68 0.24 20.36 -11.21
CA ASP B 68 -0.98 19.58 -10.92
C ASP B 68 -0.99 18.85 -9.57
N ILE B 69 0.19 18.50 -9.03
CA ILE B 69 0.21 17.83 -7.72
C ILE B 69 -0.23 18.77 -6.57
N LEU B 70 -0.29 20.08 -6.85
CA LEU B 70 -0.62 21.07 -5.83
C LEU B 70 -2.08 21.52 -5.83
N THR B 71 -2.76 21.30 -6.95
CA THR B 71 -4.03 22.04 -7.17
C THR B 71 -5.18 21.71 -6.21
N MET B 72 -5.33 20.43 -5.85
N MET B 72 -5.31 20.43 -5.83
CA MET B 72 -6.33 20.01 -4.85
CA MET B 72 -6.35 20.05 -4.88
C MET B 72 -6.06 20.58 -3.46
C MET B 72 -6.02 20.40 -3.41
N ALA B 73 -4.80 20.83 -3.14
CA ALA B 73 -4.44 21.41 -1.83
C ALA B 73 -4.91 22.87 -1.78
N PHE B 74 -4.86 23.57 -2.92
CA PHE B 74 -5.37 24.93 -3.02
C PHE B 74 -6.90 24.96 -2.98
N ASN B 76 -10.92 23.51 -0.17
CA ASN B 76 -11.88 24.06 0.82
C ASN B 76 -13.28 23.64 0.45
N ARG B 77 -13.81 22.65 1.17
CA ARG B 77 -15.07 22.03 0.78
C ARG B 77 -16.28 22.86 1.16
N VAL B 78 -16.07 24.05 1.72
CA VAL B 78 -17.17 25.03 1.84
C VAL B 78 -17.66 25.45 0.43
N PHE B 79 -16.75 25.42 -0.54
CA PHE B 79 -17.11 25.66 -1.94
C PHE B 79 -17.51 24.36 -2.63
N ALA B 80 -18.67 23.85 -2.25
CA ALA B 80 -19.24 22.67 -2.87
C ALA B 80 -20.73 22.83 -2.69
N LYS B 81 -21.47 22.50 -3.74
CA LYS B 81 -22.93 22.64 -3.71
C LYS B 81 -23.56 21.43 -3.02
N TYR B 82 -24.12 21.65 -1.83
CA TYR B 82 -24.78 20.60 -1.08
C TYR B 82 -26.29 20.72 -1.24
N PRO B 83 -26.97 19.64 -1.65
CA PRO B 83 -28.44 19.65 -1.72
C PRO B 83 -29.03 19.55 -0.32
N GLU B 84 -30.33 19.81 -0.22
CA GLU B 84 -30.96 19.92 1.09
C GLU B 84 -30.98 18.63 1.90
N ASN B 85 -30.92 17.49 1.22
CA ASN B 85 -30.99 16.19 1.88
C ASN B 85 -29.63 15.58 2.26
N ILE B 86 -28.57 16.38 2.18
CA ILE B 86 -27.25 15.94 2.68
C ILE B 86 -26.74 16.97 3.69
N VAL B 87 -26.41 16.50 4.88
CA VAL B 87 -25.82 17.34 5.92
C VAL B 87 -24.50 17.97 5.42
N ASP B 88 -24.38 19.29 5.58
CA ASP B 88 -23.19 20.03 5.16
C ASP B 88 -22.26 20.29 6.35
N TYR B 89 -21.26 19.41 6.52
CA TYR B 89 -20.30 19.49 7.62
C TYR B 89 -19.51 20.79 7.61
N PHE B 90 -19.25 21.29 6.40
CA PHE B 90 -18.32 22.41 6.18
C PHE B 90 -18.95 23.75 6.45
N LYS B 91 -20.11 24.00 5.85
CA LYS B 91 -20.80 25.27 6.10
C LYS B 91 -21.20 25.43 7.58
N GLN B 92 -21.53 24.32 8.25
CA GLN B 92 -21.84 24.34 9.68
C GLN B 92 -20.66 24.75 10.60
N SER B 93 -19.44 24.52 10.14
N SER B 93 -19.43 24.52 10.13
CA SER B 93 -18.25 24.70 10.98
CA SER B 93 -18.24 24.70 10.97
C SER B 93 -17.90 26.16 11.26
C SER B 93 -17.84 26.15 11.22
N PHE B 94 -18.38 27.06 10.41
CA PHE B 94 -18.06 28.49 10.56
C PHE B 94 -18.97 29.18 11.56
N PRO B 95 -18.53 30.31 12.15
CA PRO B 95 -17.30 31.08 11.85
C PRO B 95 -15.97 30.48 12.34
N GLU B 96 -16.03 29.52 13.25
CA GLU B 96 -14.83 28.89 13.83
C GLU B 96 -13.94 28.23 12.78
N GLY B 97 -14.53 27.46 11.88
CA GLY B 97 -13.81 26.86 10.78
C GLY B 97 -13.46 25.39 11.01
N TYR B 98 -12.52 24.90 10.19
CA TYR B 98 -12.15 23.50 10.23
C TYR B 98 -10.74 23.34 9.65
N SER B 99 -10.17 22.15 9.82
CA SER B 99 -8.85 21.86 9.23
C SER B 99 -8.96 20.53 8.49
N TRP B 100 -8.00 20.25 7.63
CA TRP B 100 -7.90 18.94 7.05
C TRP B 100 -6.46 18.47 6.98
N GLU B 101 -6.30 17.15 6.92
CA GLU B 101 -5.01 16.48 6.77
C GLU B 101 -5.20 15.50 5.64
N ARG B 102 -4.19 15.30 4.82
CA ARG B 102 -4.39 14.52 3.59
C ARG B 102 -3.13 13.83 3.13
N SER B 103 -3.27 12.58 2.69
N SER B 103 -3.28 12.58 2.68
CA SER B 103 -2.20 11.92 1.97
CA SER B 103 -2.21 11.80 2.04
C SER B 103 -2.63 11.71 0.53
C SER B 103 -2.58 11.45 0.59
N MET B 104 -1.63 11.62 -0.33
CA MET B 104 -1.84 11.42 -1.75
C MET B 104 -0.76 10.45 -2.22
N ILE B 105 -1.17 9.23 -2.52
CA ILE B 105 -0.25 8.13 -2.87
C ILE B 105 -0.33 7.88 -4.37
N TYR B 106 0.74 8.19 -5.07
CA TYR B 106 0.85 8.00 -6.53
C TYR B 106 1.35 6.62 -6.88
N GLU B 107 0.98 6.15 -8.06
CA GLU B 107 1.21 4.76 -8.38
C GLU B 107 2.69 4.40 -8.57
N ASP B 108 3.54 5.41 -8.77
CA ASP B 108 4.99 5.15 -8.91
C ASP B 108 5.80 5.37 -7.62
N GLY B 109 5.10 5.53 -6.51
CA GLY B 109 5.69 5.59 -5.17
C GLY B 109 5.88 6.98 -4.62
N GLY B 110 5.66 8.00 -5.44
CA GLY B 110 5.62 9.38 -4.91
C GLY B 110 4.47 9.50 -3.93
N ILE B 111 4.72 10.16 -2.79
CA ILE B 111 3.69 10.40 -1.78
C ILE B 111 3.74 11.82 -1.30
N CYS B 112 2.57 12.47 -1.29
CA CYS B 112 2.48 13.82 -0.77
C CYS B 112 1.59 13.83 0.45
N ASN B 113 1.98 14.62 1.45
CA ASN B 113 1.15 14.87 2.60
C ASN B 113 0.84 16.36 2.62
N ALA B 114 -0.38 16.72 2.99
CA ALA B 114 -0.72 18.14 3.07
C ALA B 114 -1.68 18.42 4.22
N THR B 115 -1.68 19.65 4.71
CA THR B 115 -2.63 20.05 5.73
C THR B 115 -3.13 21.43 5.37
N ASN B 116 -4.32 21.76 5.86
CA ASN B 116 -4.88 23.10 5.68
C ASN B 116 -5.61 23.49 6.94
N ASP B 117 -5.40 24.71 7.41
CA ASP B 117 -6.18 25.25 8.52
C ASP B 117 -7.01 26.42 7.98
N ILE B 118 -8.34 26.31 8.03
CA ILE B 118 -9.23 27.28 7.41
C ILE B 118 -10.01 28.08 8.44
N THR B 119 -9.81 29.40 8.41
CA THR B 119 -10.50 30.33 9.31
C THR B 119 -11.22 31.38 8.47
N LEU B 120 -11.99 32.24 9.13
CA LEU B 120 -12.80 33.24 8.44
C LEU B 120 -12.55 34.61 9.07
N ASP B 121 -12.23 35.59 8.22
CA ASP B 121 -12.17 36.98 8.68
C ASP B 121 -13.10 37.79 7.80
N GLY B 122 -14.18 38.27 8.38
CA GLY B 122 -15.26 38.94 7.62
C GLY B 122 -15.86 37.99 6.61
N ASP B 123 -15.70 38.32 5.33
CA ASP B 123 -16.20 37.49 4.24
C ASP B 123 -15.07 36.78 3.51
N CYS B 124 -13.91 36.67 4.17
CA CYS B 124 -12.74 36.08 3.54
C CYS B 124 -12.28 34.81 4.26
N TYR B 125 -12.22 33.70 3.53
CA TYR B 125 -11.56 32.50 4.07
C TYR B 125 -10.06 32.67 4.05
N ILE B 126 -9.41 32.28 5.14
CA ILE B 126 -7.96 32.37 5.29
C ILE B 126 -7.48 30.93 5.39
N CYS B 127 -6.60 30.53 4.46
CA CYS B 127 -6.10 29.16 4.40
C CYS B 127 -4.60 29.13 4.61
N GLU B 128 -4.17 28.34 5.59
CA GLU B 128 -2.75 28.09 5.84
C GLU B 128 -2.45 26.64 5.48
N ILE B 129 -1.70 26.45 4.40
CA ILE B 129 -1.49 25.14 3.83
C ILE B 129 -0.03 24.71 3.95
N ARG B 130 0.19 23.45 4.31
CA ARG B 130 1.53 22.87 4.30
C ARG B 130 1.53 21.71 3.31
N PHE B 131 2.57 21.58 2.49
CA PHE B 131 2.59 20.53 1.45
C PHE B 131 3.97 19.87 1.42
N ASP B 132 4.02 18.55 1.51
CA ASP B 132 5.31 17.86 1.46
C ASP B 132 5.25 16.59 0.61
N GLY B 133 5.98 16.61 -0.51
CA GLY B 133 6.04 15.49 -1.45
C GLY B 133 7.40 14.85 -1.43
N VAL B 134 7.45 13.51 -1.43
CA VAL B 134 8.73 12.77 -1.45
C VAL B 134 8.70 11.59 -2.43
N ASN B 135 9.89 11.16 -2.84
CA ASN B 135 10.09 9.91 -3.57
C ASN B 135 9.47 9.91 -4.97
N PHE B 136 9.33 11.09 -5.57
CA PHE B 136 8.98 11.17 -6.99
C PHE B 136 10.19 10.86 -7.84
N PRO B 137 10.09 9.81 -8.68
CA PRO B 137 11.22 9.37 -9.51
C PRO B 137 11.65 10.48 -10.48
N ALA B 138 12.96 10.60 -10.72
CA ALA B 138 13.48 11.65 -11.59
C ALA B 138 12.92 11.57 -13.01
N ASN B 139 12.69 10.36 -13.52
N ASN B 139 12.68 10.34 -13.48
CA ASN B 139 12.12 10.19 -14.87
CA ASN B 139 12.14 10.09 -14.83
C ASN B 139 10.62 9.83 -14.84
C ASN B 139 10.61 10.04 -14.91
N GLY B 140 9.95 10.22 -13.77
CA GLY B 140 8.48 10.05 -13.65
C GLY B 140 7.74 11.28 -14.20
N PRO B 141 6.41 11.18 -14.36
CA PRO B 141 5.63 12.27 -14.98
C PRO B 141 5.59 13.55 -14.16
N VAL B 142 5.77 13.46 -12.85
CA VAL B 142 5.76 14.64 -11.99
C VAL B 142 7.03 15.47 -12.17
N MET B 143 8.21 14.84 -12.04
CA MET B 143 9.47 15.59 -12.18
C MET B 143 9.81 15.96 -13.63
N GLN B 144 9.20 15.26 -14.57
N GLN B 144 9.22 15.25 -14.57
CA GLN B 144 9.41 15.54 -15.99
CA GLN B 144 9.43 15.56 -15.99
C GLN B 144 8.26 16.34 -16.59
C GLN B 144 8.32 16.44 -16.57
N LYS B 145 7.36 16.81 -15.71
CA LYS B 145 6.22 17.69 -16.06
C LYS B 145 5.45 17.19 -17.30
N ARG B 146 5.02 15.93 -17.21
CA ARG B 146 4.29 15.26 -18.28
C ARG B 146 2.78 15.17 -18.01
N THR B 147 2.29 15.84 -16.96
CA THR B 147 0.87 15.80 -16.62
C THR B 147 0.08 16.89 -17.35
N VAL B 148 -1.17 16.59 -17.66
CA VAL B 148 -1.99 17.50 -18.45
C VAL B 148 -3.11 18.12 -17.61
N LYS B 149 -3.92 17.28 -16.96
CA LYS B 149 -5.03 17.75 -16.12
C LYS B 149 -5.58 16.58 -15.31
N TRP B 150 -6.25 16.89 -14.21
CA TRP B 150 -7.01 15.87 -13.45
C TRP B 150 -8.32 15.55 -14.17
N GLU B 151 -8.69 14.26 -14.23
CA GLU B 151 -10.03 13.86 -14.62
C GLU B 151 -11.02 14.25 -13.51
N LEU B 152 -12.32 14.21 -13.82
N LEU B 152 -12.31 14.22 -13.82
CA LEU B 152 -13.38 14.39 -12.82
CA LEU B 152 -13.36 14.43 -12.82
C LEU B 152 -13.11 13.49 -11.62
C LEU B 152 -13.11 13.50 -11.62
N SER B 153 -13.04 14.09 -10.43
CA SER B 153 -12.66 13.36 -9.20
C SER B 153 -13.87 13.21 -8.29
N THR B 154 -14.24 11.96 -8.01
CA THR B 154 -15.34 11.67 -7.10
C THR B 154 -14.85 11.29 -5.70
N GLU B 155 -15.05 12.21 -4.77
CA GLU B 155 -14.62 12.02 -3.39
C GLU B 155 -15.74 11.31 -2.64
N LYS B 156 -15.41 10.26 -1.89
N LYS B 156 -15.41 10.26 -1.89
CA LYS B 156 -16.41 9.56 -1.07
CA LYS B 156 -16.39 9.55 -1.08
C LYS B 156 -16.17 9.79 0.41
C LYS B 156 -16.16 9.85 0.39
N LEU B 157 -17.20 10.33 1.08
CA LEU B 157 -17.09 10.80 2.46
C LEU B 157 -17.91 9.99 3.44
N TYR B 158 -17.31 9.71 4.59
CA TYR B 158 -17.97 8.91 5.60
C TYR B 158 -17.45 9.33 6.99
N VAL B 159 -18.27 9.10 8.01
CA VAL B 159 -17.87 9.44 9.36
C VAL B 159 -17.08 8.29 10.00
N ARG B 160 -16.03 8.64 10.73
CA ARG B 160 -15.38 7.70 11.64
C ARG B 160 -14.81 8.47 12.82
N ASP B 161 -14.94 7.92 14.03
CA ASP B 161 -14.37 8.56 15.24
C ASP B 161 -14.81 10.03 15.37
N GLY B 162 -16.07 10.29 15.02
CA GLY B 162 -16.64 11.60 15.26
C GLY B 162 -16.15 12.72 14.36
N VAL B 163 -15.35 12.35 13.36
CA VAL B 163 -14.85 13.29 12.34
C VAL B 163 -15.20 12.76 10.95
N LEU B 164 -14.92 13.56 9.93
CA LEU B 164 -15.32 13.21 8.59
C LEU B 164 -14.09 12.79 7.78
N LYS B 165 -14.16 11.58 7.23
CA LYS B 165 -13.09 11.03 6.41
C LYS B 165 -13.53 11.02 4.96
N SER B 166 -12.55 11.05 4.05
CA SER B 166 -12.87 10.82 2.66
C SER B 166 -11.74 10.14 1.93
N ASP B 167 -12.05 9.56 0.78
N ASP B 167 -12.08 9.54 0.80
CA ASP B 167 -10.99 9.08 -0.08
CA ASP B 167 -11.12 8.86 -0.08
C ASP B 167 -11.47 9.04 -1.52
C ASP B 167 -11.48 9.17 -1.53
N GLY B 168 -10.51 9.01 -2.42
CA GLY B 168 -10.80 9.05 -3.84
C GLY B 168 -9.71 8.35 -4.63
N ASN B 169 -10.09 7.80 -5.77
N ASN B 169 -10.08 7.74 -5.75
CA ASN B 169 -9.15 7.15 -6.68
CA ASN B 169 -9.10 7.15 -6.65
C ASN B 169 -9.08 8.02 -7.91
C ASN B 169 -9.07 8.02 -7.89
N TYR B 170 -8.11 8.93 -7.94
CA TYR B 170 -8.05 9.96 -8.98
C TYR B 170 -7.03 9.64 -10.03
N ALA B 171 -7.05 10.41 -11.11
CA ALA B 171 -6.14 10.16 -12.23
C ALA B 171 -5.80 11.44 -12.96
N LEU B 172 -4.51 11.59 -13.25
CA LEU B 172 -4.02 12.67 -14.10
C LEU B 172 -3.85 12.15 -15.51
N SER B 173 -4.42 12.86 -16.47
N SER B 173 -4.41 12.87 -16.48
CA SER B 173 -4.15 12.54 -17.86
CA SER B 173 -5.34 12.16 -19.14
CA SER B 173 -4.14 12.60 -17.87
C SER B 173 -2.73 12.99 -18.17
C SER B 173 -2.70 13.00 -18.16
N LEU B 174 -2.03 12.18 -18.95
CA LEU B 174 -0.63 12.42 -19.32
C LEU B 174 -0.43 12.82 -20.77
N GLU B 175 0.74 13.40 -21.04
N GLU B 175 0.73 13.40 -21.03
CA GLU B 175 1.16 13.69 -22.40
CA GLU B 175 1.18 13.69 -22.38
C GLU B 175 1.08 12.40 -23.22
C GLU B 175 1.09 12.40 -23.21
N GLY B 176 0.53 12.52 -24.42
CA GLY B 176 0.37 11.38 -25.34
C GLY B 176 -0.79 10.45 -25.01
N GLY B 177 -1.54 10.78 -23.96
CA GLY B 177 -2.65 9.95 -23.52
C GLY B 177 -2.24 8.96 -22.44
N GLY B 178 -3.21 8.27 -21.86
CA GLY B 178 -2.87 7.44 -20.72
C GLY B 178 -2.97 8.24 -19.44
N HIS B 179 -2.97 7.50 -18.33
CA HIS B 179 -3.28 8.09 -17.02
C HIS B 179 -2.26 7.71 -15.96
N TYR B 180 -2.17 8.59 -14.96
CA TYR B 180 -1.26 8.43 -13.81
C TYR B 180 -2.13 8.51 -12.57
N ARG B 181 -2.18 7.39 -11.83
CA ARG B 181 -3.15 7.23 -10.75
C ARG B 181 -2.63 7.73 -9.40
N CYS B 182 -3.54 8.30 -8.63
CA CYS B 182 -3.25 8.78 -7.28
C CYS B 182 -4.42 8.48 -6.35
N ASP B 183 -4.12 7.90 -5.20
CA ASP B 183 -5.15 7.70 -4.17
C ASP B 183 -5.04 8.77 -3.10
N PHE B 184 -6.16 9.43 -2.86
CA PHE B 184 -6.28 10.50 -1.85
C PHE B 184 -6.98 9.93 -0.60
N LYS B 185 -6.52 10.36 0.58
CA LYS B 185 -7.18 10.04 1.85
C LYS B 185 -7.15 11.31 2.69
N THR B 186 -8.33 11.79 3.09
CA THR B 186 -8.44 13.04 3.83
C THR B 186 -9.16 12.83 5.16
N THR B 187 -8.73 13.57 6.19
CA THR B 187 -9.51 13.71 7.42
C THR B 187 -9.89 15.17 7.57
N TYR B 188 -11.19 15.42 7.75
CA TYR B 188 -11.69 16.76 8.02
C TYR B 188 -12.09 16.88 9.48
N LYS B 189 -11.72 17.99 10.11
CA LYS B 189 -11.96 18.20 11.54
C LYS B 189 -12.55 19.60 11.80
N ALA B 190 -13.85 19.64 12.10
CA ALA B 190 -14.51 20.91 12.49
C ALA B 190 -13.97 21.38 13.85
N LYS B 191 -13.90 22.69 14.04
N LYS B 191 -13.89 22.70 14.03
CA LYS B 191 -13.40 23.25 15.30
CA LYS B 191 -13.41 23.30 15.29
C LYS B 191 -14.46 23.35 16.40
C LYS B 191 -14.53 23.56 16.31
N LYS B 192 -15.70 22.97 16.07
CA LYS B 192 -16.80 22.95 17.04
C LYS B 192 -17.69 21.76 16.69
N VAL B 193 -18.63 21.45 17.58
CA VAL B 193 -19.56 20.35 17.33
C VAL B 193 -20.53 20.72 16.22
N VAL B 194 -20.61 19.87 15.20
CA VAL B 194 -21.54 20.07 14.09
C VAL B 194 -22.31 18.78 13.84
N GLN B 195 -23.43 18.86 13.14
CA GLN B 195 -24.15 17.64 12.75
C GLN B 195 -23.30 16.86 11.76
N LEU B 196 -23.22 15.54 11.94
CA LEU B 196 -22.39 14.68 11.08
C LEU B 196 -23.21 14.10 9.95
N PRO B 197 -22.65 14.06 8.73
CA PRO B 197 -23.43 13.57 7.58
C PRO B 197 -23.45 12.04 7.43
N ASP B 198 -24.41 11.51 6.69
N ASP B 198 -24.41 11.55 6.66
CA ASP B 198 -24.34 10.11 6.28
CA ASP B 198 -24.42 10.17 6.19
C ASP B 198 -23.42 10.02 5.07
C ASP B 198 -23.42 10.03 5.04
N TYR B 199 -23.17 8.79 4.61
CA TYR B 199 -22.26 8.52 3.50
C TYR B 199 -22.73 9.24 2.23
N HIS B 200 -21.81 9.91 1.56
CA HIS B 200 -22.14 10.67 0.35
C HIS B 200 -20.90 10.93 -0.52
N SER B 201 -21.10 11.52 -1.69
N SER B 201 -21.12 11.50 -1.70
CA SER B 201 -19.98 11.81 -2.59
CA SER B 201 -20.04 11.80 -2.65
C SER B 201 -19.98 13.27 -3.00
C SER B 201 -19.97 13.29 -2.96
N VAL B 202 -18.80 13.73 -3.43
CA VAL B 202 -18.65 15.05 -4.02
C VAL B 202 -17.89 14.89 -5.33
N ASP B 203 -18.49 15.35 -6.43
CA ASP B 203 -17.79 15.41 -7.73
C ASP B 203 -17.04 16.73 -7.82
N HIS B 204 -15.76 16.66 -8.21
CA HIS B 204 -14.90 17.84 -8.33
C HIS B 204 -14.37 17.93 -9.74
N HIS B 205 -14.47 19.13 -10.30
CA HIS B 205 -13.82 19.48 -11.54
C HIS B 205 -12.80 20.57 -11.20
N ILE B 206 -11.53 20.26 -11.43
N ILE B 206 -11.52 20.28 -11.40
CA ILE B 206 -10.41 21.12 -11.10
CA ILE B 206 -10.50 21.27 -11.09
C ILE B 206 -9.75 21.49 -12.43
C ILE B 206 -9.64 21.50 -12.32
N GLU B 207 -9.45 22.76 -12.65
CA GLU B 207 -8.85 23.12 -13.93
C GLU B 207 -7.93 24.33 -13.81
N ILE B 208 -6.71 24.19 -14.34
CA ILE B 208 -5.85 25.35 -14.53
C ILE B 208 -6.33 26.07 -15.78
N ILE B 209 -6.89 27.26 -15.58
CA ILE B 209 -7.45 28.07 -16.67
C ILE B 209 -6.35 28.75 -17.49
N SER B 210 -5.37 29.30 -16.80
CA SER B 210 -4.25 29.97 -17.46
C SER B 210 -3.01 29.84 -16.59
N HIS B 211 -1.83 29.95 -17.21
CA HIS B 211 -0.57 29.93 -16.47
C HIS B 211 0.50 30.53 -17.35
N ASP B 212 1.50 31.15 -16.75
CA ASP B 212 2.68 31.51 -17.53
C ASP B 212 3.59 30.29 -17.72
N LYS B 213 4.64 30.44 -18.52
CA LYS B 213 5.45 29.30 -19.00
C LYS B 213 6.00 28.41 -17.87
N ASP B 214 6.47 29.04 -16.81
CA ASP B 214 7.02 28.31 -15.67
C ASP B 214 6.09 28.19 -14.45
N TYR B 215 4.82 28.54 -14.63
CA TYR B 215 3.78 28.45 -13.59
C TYR B 215 4.00 29.34 -12.34
N SER B 216 4.82 30.39 -12.49
CA SER B 216 4.93 31.43 -11.45
C SER B 216 3.59 32.11 -11.17
N ASN B 217 2.75 32.19 -12.20
CA ASN B 217 1.40 32.69 -12.06
C ASN B 217 0.45 31.68 -12.65
N VAL B 218 -0.57 31.34 -11.88
CA VAL B 218 -1.58 30.36 -12.28
C VAL B 218 -2.96 30.89 -11.89
N ASN B 219 -3.94 30.70 -12.78
CA ASN B 219 -5.33 30.90 -12.47
C ASN B 219 -6.04 29.54 -12.41
N LEU B 220 -6.61 29.23 -11.26
CA LEU B 220 -7.18 27.92 -10.96
C LEU B 220 -8.68 28.04 -10.70
N HIS B 221 -9.46 27.14 -11.30
CA HIS B 221 -10.91 27.11 -11.08
C HIS B 221 -11.30 25.74 -10.57
N GLU B 222 -12.29 25.70 -9.69
CA GLU B 222 -12.91 24.45 -9.27
C GLU B 222 -14.44 24.57 -9.22
N HIS B 223 -15.13 23.51 -9.59
N HIS B 223 -15.10 23.47 -9.56
CA HIS B 223 -16.55 23.40 -9.24
CA HIS B 223 -16.53 23.30 -9.36
C HIS B 223 -16.93 22.01 -8.75
C HIS B 223 -16.72 21.99 -8.61
N ALA B 224 -17.60 21.99 -7.60
CA ALA B 224 -17.89 20.77 -6.84
C ALA B 224 -19.37 20.71 -6.45
N GLU B 225 -19.93 19.51 -6.53
CA GLU B 225 -21.32 19.23 -6.17
C GLU B 225 -21.42 17.93 -5.39
N ALA B 226 -22.13 17.97 -4.27
CA ALA B 226 -22.36 16.76 -3.46
C ALA B 226 -23.58 15.98 -3.98
N HIS B 227 -23.50 14.65 -3.89
N HIS B 227 -23.51 14.66 -3.90
CA HIS B 227 -24.55 13.74 -4.35
CA HIS B 227 -24.62 13.80 -4.31
C HIS B 227 -24.69 12.57 -3.38
C HIS B 227 -24.67 12.52 -3.48
N SER B 228 -25.86 11.92 -3.39
CA SER B 228 -26.06 10.68 -2.64
C SER B 228 -27.05 9.75 -3.32
N SER C 15 10.59 -34.57 18.85
CA SER C 15 9.99 -35.89 19.21
C SER C 15 9.30 -36.50 17.98
N VAL C 16 8.19 -35.90 17.57
CA VAL C 16 7.57 -36.26 16.30
C VAL C 16 8.37 -35.63 15.15
N ILE C 17 9.17 -34.61 15.49
CA ILE C 17 10.09 -33.99 14.54
C ILE C 17 11.39 -34.79 14.55
N LYS C 18 11.70 -35.44 13.43
CA LYS C 18 12.93 -36.23 13.28
C LYS C 18 14.02 -35.39 12.58
N PRO C 19 15.30 -35.80 12.72
CA PRO C 19 16.37 -35.05 12.03
C PRO C 19 16.27 -35.07 10.51
N ASP C 20 15.74 -36.16 9.95
CA ASP C 20 15.49 -36.25 8.51
C ASP C 20 14.03 -36.60 8.27
N MET C 21 13.36 -35.74 7.50
N MET C 21 13.34 -35.73 7.52
CA MET C 21 11.93 -35.91 7.23
CA MET C 21 11.93 -35.90 7.23
C MET C 21 11.61 -35.71 5.75
C MET C 21 11.71 -35.92 5.72
N LYS C 22 10.50 -36.31 5.32
CA LYS C 22 10.12 -36.29 3.91
C LYS C 22 9.01 -35.29 3.68
N ILE C 23 8.81 -34.92 2.42
CA ILE C 23 7.78 -33.95 2.04
C ILE C 23 7.02 -34.44 0.83
N LYS C 24 5.69 -34.29 0.85
N LYS C 24 5.69 -34.35 0.89
CA LYS C 24 4.83 -34.57 -0.30
CA LYS C 24 4.84 -34.52 -0.27
C LYS C 24 3.77 -33.48 -0.45
C LYS C 24 3.97 -33.27 -0.39
N LEU C 25 3.73 -32.83 -1.62
CA LEU C 25 2.84 -31.69 -1.83
C LEU C 25 2.14 -31.61 -3.18
N ARG C 26 1.03 -30.89 -3.19
CA ARG C 26 0.31 -30.58 -4.41
C ARG C 26 -0.17 -29.16 -4.32
N MET C 27 0.12 -28.40 -5.36
CA MET C 27 -0.38 -27.06 -5.52
C MET C 27 -1.37 -27.04 -6.67
N GLU C 28 -2.53 -26.44 -6.44
CA GLU C 28 -3.47 -26.12 -7.53
C GLU C 28 -3.61 -24.62 -7.55
N GLY C 29 -3.71 -24.04 -8.74
CA GLY C 29 -3.74 -22.58 -8.80
C GLY C 29 -4.09 -22.01 -10.16
N ALA C 30 -4.01 -20.70 -10.22
CA ALA C 30 -4.18 -19.98 -11.49
C ALA C 30 -3.41 -18.69 -11.41
N VAL C 31 -2.89 -18.27 -12.55
CA VAL C 31 -2.25 -16.94 -12.66
C VAL C 31 -2.89 -16.24 -13.85
N ASN C 32 -3.43 -15.03 -13.62
CA ASN C 32 -4.16 -14.30 -14.65
C ASN C 32 -5.26 -15.18 -15.28
N GLY C 33 -5.87 -16.03 -14.46
CA GLY C 33 -6.97 -16.88 -14.92
C GLY C 33 -6.59 -18.17 -15.65
N HIS C 34 -5.28 -18.41 -15.75
N HIS C 34 -5.31 -18.42 -15.87
CA HIS C 34 -4.76 -19.63 -16.39
CA HIS C 34 -4.98 -19.68 -16.50
C HIS C 34 -4.41 -20.70 -15.34
C HIS C 34 -4.52 -20.64 -15.41
N PRO C 35 -5.16 -21.82 -15.34
CA PRO C 35 -4.98 -22.79 -14.26
C PRO C 35 -3.75 -23.68 -14.44
N PHE C 36 -3.25 -24.20 -13.32
CA PHE C 36 -2.14 -25.13 -13.35
C PHE C 36 -2.15 -26.00 -12.09
N ALA C 37 -1.34 -27.05 -12.09
CA ALA C 37 -1.17 -27.88 -10.90
C ALA C 37 0.24 -28.43 -10.90
N ILE C 38 0.82 -28.52 -9.70
CA ILE C 38 2.19 -28.97 -9.56
C ILE C 38 2.26 -29.94 -8.38
N GLU C 39 3.02 -31.02 -8.54
CA GLU C 39 3.23 -31.95 -7.44
C GLU C 39 4.70 -32.03 -7.07
N GLY C 40 4.96 -32.27 -5.79
CA GLY C 40 6.32 -32.23 -5.29
C GLY C 40 6.60 -33.33 -4.29
N VAL C 41 7.82 -33.86 -4.33
N VAL C 41 7.85 -33.78 -4.29
CA VAL C 41 8.31 -34.74 -3.27
CA VAL C 41 8.36 -34.75 -3.35
C VAL C 41 9.66 -34.22 -2.85
C VAL C 41 9.71 -34.24 -2.87
N GLY C 42 9.93 -34.25 -1.56
CA GLY C 42 11.17 -33.69 -1.03
C GLY C 42 11.71 -34.33 0.22
N LEU C 43 12.84 -33.80 0.68
CA LEU C 43 13.56 -34.27 1.86
C LEU C 43 14.05 -33.04 2.60
N GLY C 44 13.96 -33.06 3.93
CA GLY C 44 14.43 -31.94 4.73
C GLY C 44 15.05 -32.33 6.06
N LYS C 45 15.77 -31.37 6.62
CA LYS C 45 16.44 -31.47 7.91
C LYS C 45 15.92 -30.33 8.77
N PRO C 46 14.82 -30.58 9.52
CA PRO C 46 14.11 -29.52 10.26
C PRO C 46 14.98 -28.76 11.24
N PHE C 47 15.88 -29.46 11.91
CA PHE C 47 16.74 -28.82 12.90
C PHE C 47 17.92 -28.06 12.28
N GLU C 48 18.27 -28.41 11.04
CA GLU C 48 19.29 -27.69 10.29
C GLU C 48 18.69 -26.55 9.45
N GLY C 49 17.36 -26.54 9.32
CA GLY C 49 16.67 -25.51 8.54
C GLY C 49 16.92 -25.64 7.04
N LYS C 50 17.01 -26.87 6.54
CA LYS C 50 17.32 -27.11 5.12
C LYS C 50 16.33 -28.07 4.51
N GLN C 51 15.97 -27.81 3.25
CA GLN C 51 15.10 -28.72 2.52
C GLN C 51 15.37 -28.66 1.03
N SER C 52 15.10 -29.78 0.35
N SER C 52 15.10 -29.77 0.36
CA SER C 52 15.25 -29.88 -1.09
CA SER C 52 15.23 -29.88 -1.09
C SER C 52 14.03 -30.62 -1.63
C SER C 52 13.99 -30.59 -1.60
N MET C 53 13.47 -30.15 -2.75
CA MET C 53 12.36 -30.86 -3.38
C MET C 53 12.42 -30.89 -4.90
N ASP C 54 11.82 -31.94 -5.45
CA ASP C 54 11.66 -32.08 -6.88
C ASP C 54 10.21 -31.79 -7.21
N LEU C 55 10.01 -30.86 -8.13
CA LEU C 55 8.67 -30.38 -8.47
C LEU C 55 8.36 -30.67 -9.94
N LYS C 56 7.15 -31.14 -10.20
N LYS C 56 7.15 -31.19 -10.18
CA LYS C 56 6.76 -31.51 -11.55
CA LYS C 56 6.71 -31.51 -11.54
C LYS C 56 5.41 -30.90 -11.91
C LYS C 56 5.40 -30.81 -11.85
N VAL C 57 5.38 -30.08 -12.95
CA VAL C 57 4.13 -29.48 -13.42
C VAL C 57 3.24 -30.59 -14.02
N LYS C 58 2.03 -30.72 -13.50
CA LYS C 58 1.10 -31.78 -13.91
C LYS C 58 -0.01 -31.30 -14.84
N GLU C 59 -0.43 -30.04 -14.67
CA GLU C 59 -1.49 -29.45 -15.51
C GLU C 59 -1.08 -28.00 -15.78
N GLY C 60 -1.39 -27.52 -16.98
CA GLY C 60 -1.21 -26.12 -17.34
C GLY C 60 0.21 -25.77 -17.75
N GLY C 61 1.07 -26.78 -17.87
CA GLY C 61 2.48 -26.56 -18.23
C GLY C 61 2.77 -26.75 -19.72
N PRO C 62 3.88 -26.18 -20.21
CA PRO C 62 4.82 -25.33 -19.46
C PRO C 62 4.20 -24.00 -19.00
N LEU C 63 4.57 -23.56 -17.81
CA LEU C 63 3.94 -22.40 -17.20
C LEU C 63 4.24 -21.14 -17.99
N PRO C 64 3.21 -20.32 -18.24
CA PRO C 64 3.36 -19.08 -19.01
C PRO C 64 3.73 -17.89 -18.12
N PHE C 65 4.35 -18.16 -16.99
CA PHE C 65 4.75 -17.09 -16.06
C PHE C 65 6.00 -17.51 -15.32
N ALA C 66 6.69 -16.52 -14.74
CA ALA C 66 7.95 -16.78 -14.02
C ALA C 66 7.74 -17.77 -12.85
N TYR C 67 8.51 -18.85 -12.85
CA TYR C 67 8.40 -19.86 -11.78
C TYR C 67 8.69 -19.28 -10.39
N ASP C 68 9.53 -18.26 -10.32
CA ASP C 68 9.94 -17.66 -9.06
C ASP C 68 8.75 -17.18 -8.23
N ILE C 69 7.61 -16.85 -8.85
CA ILE C 69 6.47 -16.38 -8.04
C ILE C 69 5.88 -17.51 -7.17
N LEU C 70 6.30 -18.75 -7.43
CA LEU C 70 5.73 -19.93 -6.76
C LEU C 70 6.59 -20.49 -5.64
N THR C 71 7.88 -20.16 -5.63
CA THR C 71 8.82 -20.94 -4.84
C THR C 71 8.66 -20.84 -3.31
N MET C 72 8.32 -19.64 -2.83
N MET C 72 8.29 -19.66 -2.83
CA MET C 72 8.02 -19.48 -1.39
CA MET C 72 8.04 -19.52 -1.40
C MET C 72 6.75 -20.21 -0.98
C MET C 72 6.69 -20.09 -0.96
N ALA C 73 5.82 -20.43 -1.91
CA ALA C 73 4.62 -21.20 -1.60
C ALA C 73 4.96 -22.68 -1.38
N PHE C 74 5.90 -23.21 -2.17
CA PHE C 74 6.41 -24.58 -1.95
C PHE C 74 7.25 -24.73 -0.67
N ASN C 76 7.06 -24.01 4.37
CA ASN C 76 6.87 -24.79 5.63
C ASN C 76 7.96 -24.45 6.64
N ARG C 77 7.62 -23.60 7.61
CA ARG C 77 8.60 -23.03 8.54
C ARG C 77 9.08 -24.04 9.62
N VAL C 78 8.55 -25.26 9.60
CA VAL C 78 9.16 -26.34 10.39
C VAL C 78 10.62 -26.58 9.93
N PHE C 79 10.92 -26.27 8.66
CA PHE C 79 12.28 -26.31 8.13
C PHE C 79 12.98 -24.96 8.31
N ALA C 80 13.20 -24.60 9.56
CA ALA C 80 13.92 -23.40 9.91
C ALA C 80 14.63 -23.72 11.20
N LYS C 81 15.89 -23.32 11.26
CA LYS C 81 16.70 -23.58 12.42
C LYS C 81 16.39 -22.54 13.50
N TYR C 82 15.71 -22.96 14.57
CA TYR C 82 15.43 -22.06 15.68
C TYR C 82 16.45 -22.26 16.81
N PRO C 83 17.05 -21.17 17.30
CA PRO C 83 17.91 -21.31 18.47
C PRO C 83 17.10 -21.60 19.74
N GLU C 84 17.77 -21.96 20.82
CA GLU C 84 17.09 -22.29 22.07
C GLU C 84 16.30 -21.13 22.67
N ASN C 85 16.75 -19.90 22.41
CA ASN C 85 16.17 -18.74 23.06
C ASN C 85 15.01 -18.08 22.28
N ILE C 86 14.55 -18.75 21.23
CA ILE C 86 13.36 -18.31 20.50
C ILE C 86 12.34 -19.46 20.46
N VAL C 87 11.13 -19.16 20.88
CA VAL C 87 10.04 -20.12 20.85
C VAL C 87 9.72 -20.50 19.40
N ASP C 88 9.64 -21.81 19.16
CA ASP C 88 9.39 -22.38 17.84
C ASP C 88 7.92 -22.78 17.73
N TYR C 89 7.12 -21.88 17.17
CA TYR C 89 5.69 -22.07 16.93
C TYR C 89 5.38 -23.31 16.07
N PHE C 90 6.25 -23.57 15.09
CA PHE C 90 6.01 -24.57 14.05
C PHE C 90 6.28 -25.99 14.50
N LYS C 91 7.43 -26.20 15.11
CA LYS C 91 7.77 -27.52 15.63
C LYS C 91 6.83 -27.94 16.76
N GLN C 92 6.34 -26.98 17.56
CA GLN C 92 5.35 -27.32 18.61
C GLN C 92 4.01 -27.79 18.04
N SER C 93 3.67 -27.36 16.82
CA SER C 93 2.31 -27.56 16.31
C SER C 93 2.03 -29.00 15.89
N PHE C 94 3.09 -29.77 15.70
CA PHE C 94 2.95 -31.15 15.26
C PHE C 94 2.74 -32.16 16.39
N PRO C 95 2.15 -33.33 16.10
CA PRO C 95 1.74 -33.89 14.80
C PRO C 95 0.49 -33.28 14.11
N GLU C 96 -0.35 -32.54 14.84
CA GLU C 96 -1.56 -31.92 14.26
C GLU C 96 -1.27 -31.01 13.07
N GLY C 97 -0.25 -30.17 13.22
CA GLY C 97 0.15 -29.31 12.12
C GLY C 97 -0.38 -27.90 12.20
N TYR C 98 -0.36 -27.21 11.07
CA TYR C 98 -0.75 -25.81 11.06
C TYR C 98 -1.08 -25.46 9.63
N SER C 99 -1.67 -24.29 9.44
CA SER C 99 -1.94 -23.78 8.10
C SER C 99 -1.38 -22.37 8.00
N TRP C 100 -1.29 -21.88 6.77
CA TRP C 100 -0.97 -20.48 6.55
C TRP C 100 -1.80 -19.90 5.42
N GLU C 101 -1.96 -18.58 5.47
CA GLU C 101 -2.65 -17.78 4.43
C GLU C 101 -1.70 -16.63 4.15
N ARG C 102 -1.59 -16.24 2.88
CA ARG C 102 -0.57 -15.28 2.50
C ARG C 102 -0.99 -14.43 1.33
N SER C 103 -0.60 -13.14 1.38
CA SER C 103 -0.72 -12.25 0.23
CA SER C 103 -0.73 -12.24 0.23
C SER C 103 0.66 -11.77 -0.16
N MET C 104 0.85 -11.60 -1.47
CA MET C 104 2.11 -11.19 -2.07
C MET C 104 1.73 -10.08 -3.06
N ILE C 105 2.14 -8.85 -2.73
CA ILE C 105 1.77 -7.68 -3.52
C ILE C 105 3.00 -7.17 -4.23
N TYR C 106 2.98 -7.25 -5.56
CA TYR C 106 4.14 -6.83 -6.36
C TYR C 106 4.00 -5.37 -6.75
N GLU C 107 5.14 -4.71 -7.00
CA GLU C 107 5.12 -3.28 -7.21
C GLU C 107 4.40 -2.79 -8.46
N ASP C 108 4.22 -3.67 -9.45
CA ASP C 108 3.50 -3.28 -10.67
C ASP C 108 2.03 -3.71 -10.65
N GLY C 109 1.52 -4.04 -9.46
CA GLY C 109 0.08 -4.31 -9.29
C GLY C 109 -0.35 -5.76 -9.31
N GLY C 110 0.55 -6.67 -9.71
CA GLY C 110 0.24 -8.10 -9.60
C GLY C 110 0.07 -8.46 -8.14
N ILE C 111 -0.97 -9.21 -7.83
CA ILE C 111 -1.20 -9.68 -6.47
C ILE C 111 -1.51 -11.16 -6.46
N CYS C 112 -0.80 -11.90 -5.60
CA CYS C 112 -1.03 -13.32 -5.44
C CYS C 112 -1.48 -13.60 -4.04
N ASN C 113 -2.46 -14.50 -3.92
N ASN C 113 -2.43 -14.53 -3.91
CA ASN C 113 -2.88 -15.04 -2.63
CA ASN C 113 -2.76 -15.05 -2.60
C ASN C 113 -2.48 -16.52 -2.64
C ASN C 113 -2.77 -16.57 -2.57
N ALA C 114 -2.26 -17.09 -1.47
CA ALA C 114 -1.96 -18.51 -1.36
C ALA C 114 -2.33 -19.02 0.02
N THR C 115 -2.64 -20.32 0.09
CA THR C 115 -2.90 -20.98 1.37
C THR C 115 -2.16 -22.32 1.36
N ASN C 116 -1.77 -22.78 2.54
CA ASN C 116 -1.19 -24.12 2.68
C ASN C 116 -1.80 -24.75 3.91
N ASP C 117 -2.15 -26.02 3.80
CA ASP C 117 -2.57 -26.77 4.97
C ASP C 117 -1.55 -27.89 5.15
N ILE C 118 -0.87 -27.89 6.29
CA ILE C 118 0.24 -28.81 6.52
C ILE C 118 -0.08 -29.83 7.59
N THR C 119 0.02 -31.10 7.22
CA THR C 119 -0.21 -32.19 8.16
C THR C 119 0.99 -33.11 8.15
N LEU C 120 0.97 -34.11 9.02
CA LEU C 120 2.07 -35.05 9.13
C LEU C 120 1.51 -36.48 9.05
N ASP C 121 2.09 -37.29 8.18
CA ASP C 121 1.78 -38.72 8.08
C ASP C 121 3.10 -39.46 8.28
N GLY C 122 3.31 -40.01 9.47
CA GLY C 122 4.58 -40.66 9.79
C GLY C 122 5.73 -39.66 9.80
N ASP C 123 6.70 -39.84 8.91
CA ASP C 123 7.81 -38.90 8.80
C ASP C 123 7.68 -37.99 7.59
N CYS C 124 6.46 -37.88 7.07
CA CYS C 124 6.21 -37.12 5.86
CA CYS C 124 6.16 -37.14 5.83
C CYS C 124 5.25 -35.95 6.07
N TYR C 125 5.73 -34.74 5.75
CA TYR C 125 4.83 -33.60 5.77
C TYR C 125 3.97 -33.65 4.52
N ILE C 126 2.69 -33.40 4.69
CA ILE C 126 1.76 -33.40 3.58
C ILE C 126 1.25 -31.98 3.43
N CYS C 127 1.48 -31.38 2.27
CA CYS C 127 1.13 -29.97 2.03
C CYS C 127 0.10 -29.85 0.92
N GLU C 128 -0.99 -29.15 1.20
N GLU C 128 -0.98 -29.12 1.19
CA GLU C 128 -2.04 -28.87 0.22
CA GLU C 128 -2.02 -28.87 0.21
C GLU C 128 -2.08 -27.37 -0.01
C GLU C 128 -2.10 -27.38 -0.02
N ILE C 129 -1.65 -26.95 -1.19
CA ILE C 129 -1.47 -25.51 -1.48
C ILE C 129 -2.44 -25.02 -2.55
N ARG C 130 -3.03 -23.86 -2.32
CA ARG C 130 -3.82 -23.15 -3.34
C ARG C 130 -3.09 -21.85 -3.65
N PHE C 131 -2.98 -21.48 -4.93
CA PHE C 131 -2.23 -20.28 -5.31
C PHE C 131 -3.04 -19.52 -6.39
N ASP C 132 -3.29 -18.23 -6.18
CA ASP C 132 -4.07 -17.44 -7.15
C ASP C 132 -3.46 -16.06 -7.37
N GLY C 133 -2.98 -15.82 -8.59
CA GLY C 133 -2.39 -14.50 -8.91
C GLY C 133 -3.21 -13.78 -9.98
N VAL C 134 -3.35 -12.46 -9.83
CA VAL C 134 -4.11 -11.67 -10.80
C VAL C 134 -3.39 -10.36 -11.08
N ASN C 135 -3.79 -9.74 -12.19
CA ASN C 135 -3.35 -8.39 -12.59
C ASN C 135 -1.86 -8.27 -12.88
N PHE C 136 -1.21 -9.34 -13.30
CA PHE C 136 0.18 -9.18 -13.78
C PHE C 136 0.16 -8.60 -15.20
N PRO C 137 0.85 -7.47 -15.42
CA PRO C 137 0.85 -6.82 -16.73
C PRO C 137 1.49 -7.73 -17.77
N ALA C 138 0.96 -7.71 -19.00
CA ALA C 138 1.45 -8.61 -20.06
C ALA C 138 2.93 -8.38 -20.36
N ASN C 139 3.36 -7.14 -20.17
N ASN C 139 3.39 -7.14 -20.22
CA ASN C 139 4.70 -6.66 -20.49
CA ASN C 139 4.78 -6.78 -20.53
C ASN C 139 5.69 -6.82 -19.35
C ASN C 139 5.67 -6.67 -19.29
N GLY C 140 5.18 -7.21 -18.17
CA GLY C 140 5.93 -7.23 -16.92
C GLY C 140 6.87 -8.41 -16.80
N PRO C 141 7.74 -8.41 -15.77
CA PRO C 141 8.78 -9.43 -15.68
C PRO C 141 8.25 -10.82 -15.33
N VAL C 142 7.08 -10.89 -14.72
CA VAL C 142 6.44 -12.18 -14.43
C VAL C 142 5.91 -12.85 -15.70
N MET C 143 5.08 -12.14 -16.47
CA MET C 143 4.51 -12.73 -17.67
C MET C 143 5.55 -12.88 -18.79
N GLN C 144 6.63 -12.10 -18.73
CA GLN C 144 7.67 -12.20 -19.75
CA GLN C 144 7.70 -12.18 -19.75
C GLN C 144 8.84 -13.09 -19.29
N LYS C 145 8.73 -13.63 -18.08
CA LYS C 145 9.70 -14.59 -17.52
C LYS C 145 11.11 -14.01 -17.51
N ARG C 146 11.23 -12.83 -16.93
CA ARG C 146 12.49 -12.12 -16.87
C ARG C 146 13.11 -12.09 -15.47
N THR C 147 12.65 -12.97 -14.59
CA THR C 147 13.22 -13.00 -13.21
C THR C 147 14.40 -13.95 -13.15
N VAL C 148 15.31 -13.68 -12.22
CA VAL C 148 16.53 -14.48 -12.08
C VAL C 148 16.50 -15.28 -10.78
N LYS C 149 16.39 -14.60 -9.64
CA LYS C 149 16.38 -15.28 -8.35
C LYS C 149 15.86 -14.33 -7.27
N TRP C 150 15.41 -14.88 -6.15
CA TRP C 150 15.09 -14.04 -4.98
C TRP C 150 16.37 -13.67 -4.25
N GLU C 151 16.47 -12.42 -3.81
CA GLU C 151 17.53 -12.06 -2.88
C GLU C 151 17.23 -12.73 -1.52
N LEU C 152 18.23 -12.76 -0.64
N LEU C 152 18.23 -12.75 -0.63
CA LEU C 152 18.02 -13.24 0.73
CA LEU C 152 18.04 -13.17 0.76
C LEU C 152 16.83 -12.50 1.33
C LEU C 152 16.80 -12.47 1.33
N SER C 153 15.85 -13.24 1.84
CA SER C 153 14.58 -12.69 2.30
C SER C 153 14.50 -12.75 3.83
N THR C 154 14.32 -11.61 4.48
CA THR C 154 14.21 -11.57 5.95
C THR C 154 12.75 -11.40 6.36
N GLU C 155 12.20 -12.47 6.91
CA GLU C 155 10.82 -12.50 7.38
C GLU C 155 10.76 -12.02 8.84
N LYS C 156 9.82 -11.13 9.17
CA LYS C 156 9.69 -10.65 10.54
C LYS C 156 8.38 -11.15 11.10
N LEU C 157 8.46 -11.81 12.26
CA LEU C 157 7.31 -12.54 12.82
C LEU C 157 6.89 -11.95 14.16
N TYR C 158 5.58 -11.77 14.35
CA TYR C 158 5.05 -11.20 15.61
C TYR C 158 3.66 -11.81 15.86
N VAL C 159 3.24 -11.85 17.12
CA VAL C 159 1.93 -12.38 17.49
C VAL C 159 0.86 -11.29 17.38
N ARG C 160 -0.31 -11.67 16.85
CA ARG C 160 -1.50 -10.83 16.97
C ARG C 160 -2.73 -11.74 17.02
N ASP C 161 -3.70 -11.39 17.85
CA ASP C 161 -4.95 -12.16 17.99
C ASP C 161 -4.68 -13.65 18.21
N GLY C 162 -3.67 -13.97 19.00
CA GLY C 162 -3.44 -15.35 19.42
C GLY C 162 -2.83 -16.26 18.35
N VAL C 163 -2.46 -15.67 17.21
CA VAL C 163 -1.81 -16.41 16.11
C VAL C 163 -0.54 -15.68 15.67
N LEU C 164 0.20 -16.28 14.75
CA LEU C 164 1.49 -15.72 14.36
C LEU C 164 1.40 -15.06 12.99
N LYS C 165 1.80 -13.80 12.91
CA LYS C 165 1.81 -13.06 11.65
C LYS C 165 3.25 -12.84 11.21
N SER C 166 3.43 -12.60 9.92
CA SER C 166 4.73 -12.15 9.48
C SER C 166 4.62 -11.31 8.23
N ASP C 167 5.71 -10.62 7.91
N ASP C 167 5.72 -10.60 7.94
CA ASP C 167 5.78 -9.94 6.64
CA ASP C 167 5.83 -9.69 6.81
C ASP C 167 7.22 -9.70 6.25
C ASP C 167 7.25 -9.76 6.26
N GLY C 168 7.39 -9.42 4.98
CA GLY C 168 8.73 -9.21 4.43
C GLY C 168 8.68 -8.32 3.20
N ASN C 169 9.76 -7.59 2.98
CA ASN C 169 9.89 -6.78 1.77
CA ASN C 169 9.88 -6.78 1.78
C ASN C 169 10.93 -7.44 0.90
N TYR C 170 10.48 -8.20 -0.09
CA TYR C 170 11.42 -9.06 -0.82
C TYR C 170 11.65 -8.53 -2.23
N ALA C 171 12.66 -9.09 -2.90
CA ALA C 171 13.03 -8.60 -4.22
C ALA C 171 13.52 -9.73 -5.11
N LEU C 172 13.03 -9.72 -6.34
CA LEU C 172 13.57 -10.61 -7.37
C LEU C 172 14.56 -9.83 -8.20
N SER C 173 15.74 -10.41 -8.39
N SER C 173 15.76 -10.37 -8.39
CA SER C 173 16.69 -9.87 -9.34
CA SER C 173 16.68 -9.76 -9.34
C SER C 173 16.14 -10.13 -10.76
C SER C 173 16.19 -10.11 -10.74
N LEU C 174 16.33 -9.17 -11.66
CA LEU C 174 15.83 -9.29 -13.03
C LEU C 174 16.96 -9.51 -14.04
N GLU C 175 16.64 -10.16 -15.15
N GLU C 175 16.63 -10.17 -15.14
CA GLU C 175 17.63 -10.38 -16.20
CA GLU C 175 17.58 -10.32 -16.24
C GLU C 175 17.99 -9.04 -16.85
C GLU C 175 18.00 -8.93 -16.68
N GLY C 176 19.28 -8.75 -16.94
CA GLY C 176 19.76 -7.45 -17.41
C GLY C 176 19.96 -6.44 -16.29
N GLY C 177 19.61 -6.80 -15.07
CA GLY C 177 19.88 -5.97 -13.90
C GLY C 177 18.62 -5.37 -13.29
N GLY C 178 18.75 -4.85 -12.08
CA GLY C 178 17.62 -4.26 -11.37
C GLY C 178 16.84 -5.28 -10.57
N HIS C 179 15.86 -4.80 -9.81
CA HIS C 179 15.06 -5.65 -8.93
C HIS C 179 13.60 -5.37 -9.12
N TYR C 180 12.80 -6.35 -8.75
CA TYR C 180 11.34 -6.29 -8.86
C TYR C 180 10.82 -6.61 -7.46
N ARG C 181 10.13 -5.64 -6.85
CA ARG C 181 9.81 -5.73 -5.42
C ARG C 181 8.46 -6.38 -5.13
N CYS C 182 8.41 -7.15 -4.05
CA CYS C 182 7.16 -7.78 -3.58
C CYS C 182 7.05 -7.71 -2.06
N ASP C 183 5.88 -7.36 -1.54
CA ASP C 183 5.62 -7.39 -0.09
C ASP C 183 4.80 -8.62 0.27
N PHE C 184 5.31 -9.41 1.21
CA PHE C 184 4.66 -10.64 1.65
C PHE C 184 3.98 -10.38 2.97
N LYS C 185 2.76 -10.92 3.14
CA LYS C 185 2.08 -10.87 4.44
C LYS C 185 1.49 -12.25 4.70
N THR C 186 1.84 -12.87 5.82
CA THR C 186 1.40 -14.22 6.11
C THR C 186 0.71 -14.29 7.48
N THR C 187 -0.29 -15.14 7.60
CA THR C 187 -0.78 -15.52 8.93
C THR C 187 -0.59 -17.03 9.07
N TYR C 188 0.07 -17.45 10.15
CA TYR C 188 0.22 -18.88 10.47
C TYR C 188 -0.72 -19.26 11.62
N LYS C 189 -1.38 -20.41 11.48
CA LYS C 189 -2.36 -20.85 12.48
C LYS C 189 -2.12 -22.30 12.89
N ALA C 190 -1.60 -22.47 14.11
CA ALA C 190 -1.42 -23.80 14.68
C ALA C 190 -2.78 -24.45 14.88
N LYS C 191 -2.85 -25.77 14.72
N LYS C 191 -2.85 -25.77 14.72
CA LYS C 191 -4.10 -26.52 14.89
CA LYS C 191 -4.10 -26.53 14.87
C LYS C 191 -4.31 -27.03 16.31
C LYS C 191 -4.39 -26.92 16.33
N LYS C 192 -3.54 -26.48 17.24
CA LYS C 192 -3.73 -26.74 18.68
C LYS C 192 -3.08 -25.58 19.41
N VAL C 193 -3.24 -25.56 20.74
CA VAL C 193 -2.64 -24.54 21.58
C VAL C 193 -1.13 -24.80 21.67
N VAL C 194 -0.35 -23.78 21.34
CA VAL C 194 1.10 -23.83 21.49
C VAL C 194 1.58 -22.55 22.18
N GLN C 195 2.81 -22.58 22.70
CA GLN C 195 3.42 -21.40 23.28
C GLN C 195 3.72 -20.42 22.14
N LEU C 196 3.43 -19.13 22.36
CA LEU C 196 3.62 -18.10 21.33
C LEU C 196 4.98 -17.42 21.48
N PRO C 197 5.68 -17.14 20.35
CA PRO C 197 7.00 -16.54 20.42
C PRO C 197 6.96 -15.03 20.57
N ASP C 198 8.04 -14.46 21.07
CA ASP C 198 8.28 -13.04 20.98
C ASP C 198 8.68 -12.69 19.54
N TYR C 199 8.74 -11.40 19.26
CA TYR C 199 9.14 -10.91 17.93
C TYR C 199 10.49 -11.46 17.54
N HIS C 200 10.62 -11.95 16.31
CA HIS C 200 11.91 -12.46 15.80
C HIS C 200 11.94 -12.44 14.29
N SER C 201 13.07 -12.82 13.71
N SER C 201 13.09 -12.81 13.72
CA SER C 201 13.19 -12.84 12.26
CA SER C 201 13.26 -12.83 12.27
C SER C 201 13.65 -14.20 11.78
C SER C 201 13.63 -14.22 11.80
N VAL C 202 13.37 -14.50 10.52
CA VAL C 202 13.91 -15.69 9.89
C VAL C 202 14.53 -15.25 8.57
N ASP C 203 15.81 -15.54 8.37
CA ASP C 203 16.47 -15.31 7.09
C ASP C 203 16.28 -16.53 6.20
N HIS C 204 15.88 -16.29 4.97
CA HIS C 204 15.62 -17.35 4.02
C HIS C 204 16.49 -17.24 2.77
N HIS C 205 17.08 -18.32 2.36
CA HIS C 205 17.76 -18.44 1.08
C HIS C 205 17.03 -19.50 0.29
N ILE C 206 16.38 -19.07 -0.80
N ILE C 206 16.41 -19.04 -0.80
CA ILE C 206 15.65 -20.01 -1.65
CA ILE C 206 15.60 -19.88 -1.70
C ILE C 206 16.24 -19.97 -3.04
C ILE C 206 16.33 -19.97 -3.03
N GLU C 207 16.46 -21.16 -3.61
CA GLU C 207 17.26 -21.29 -4.83
C GLU C 207 16.75 -22.42 -5.69
N ILE C 208 16.52 -22.11 -6.97
CA ILE C 208 16.28 -23.16 -7.94
C ILE C 208 17.66 -23.69 -8.33
N ILE C 209 17.91 -24.93 -7.94
CA ILE C 209 19.20 -25.59 -8.17
C ILE C 209 19.33 -26.08 -9.59
N SER C 210 18.25 -26.61 -10.13
CA SER C 210 18.24 -27.09 -11.51
C SER C 210 16.83 -27.09 -12.03
N HIS C 211 16.72 -27.03 -13.35
CA HIS C 211 15.42 -27.06 -14.00
C HIS C 211 15.63 -27.50 -15.43
N ASP C 212 14.60 -28.10 -16.00
CA ASP C 212 14.66 -28.33 -17.43
C ASP C 212 14.24 -27.06 -18.17
N LYS C 213 14.29 -27.11 -19.50
CA LYS C 213 14.15 -25.94 -20.35
C LYS C 213 12.93 -25.06 -20.04
N ASP C 214 11.77 -25.70 -19.83
CA ASP C 214 10.53 -24.97 -19.65
C ASP C 214 9.99 -25.02 -18.22
N TYR C 215 10.85 -25.45 -17.28
CA TYR C 215 10.51 -25.52 -15.86
C TYR C 215 9.42 -26.53 -15.51
N SER C 216 9.19 -27.49 -16.40
CA SER C 216 8.30 -28.64 -16.11
C SER C 216 8.78 -29.46 -14.92
N ASN C 217 10.10 -29.43 -14.71
CA ASN C 217 10.77 -30.17 -13.66
C ASN C 217 11.77 -29.21 -13.02
N VAL C 218 11.67 -29.07 -11.69
CA VAL C 218 12.48 -28.13 -10.94
C VAL C 218 13.00 -28.79 -9.67
N ASN C 219 14.27 -28.55 -9.37
CA ASN C 219 14.79 -28.89 -8.05
C ASN C 219 15.02 -27.60 -7.29
N LEU C 220 14.36 -27.51 -6.13
CA LEU C 220 14.30 -26.29 -5.34
C LEU C 220 14.91 -26.57 -3.97
N HIS C 221 15.77 -25.65 -3.49
N HIS C 221 15.76 -25.63 -3.51
CA HIS C 221 16.38 -25.78 -2.18
CA HIS C 221 16.40 -25.73 -2.22
C HIS C 221 16.18 -24.53 -1.36
C HIS C 221 16.02 -24.51 -1.37
N GLU C 222 15.87 -24.72 -0.07
CA GLU C 222 15.76 -23.62 0.87
C GLU C 222 16.63 -23.86 2.11
N HIS C 223 17.27 -22.79 2.58
CA HIS C 223 17.94 -22.80 3.86
C HIS C 223 17.40 -21.62 4.67
N ALA C 224 16.99 -21.89 5.90
CA ALA C 224 16.38 -20.83 6.71
C ALA C 224 16.85 -20.90 8.16
N GLU C 225 17.11 -19.73 8.73
CA GLU C 225 17.43 -19.70 10.16
C GLU C 225 16.84 -18.52 10.90
N ALA C 226 16.35 -18.78 12.11
CA ALA C 226 15.74 -17.75 12.95
C ALA C 226 16.77 -17.01 13.79
N HIS C 227 16.55 -15.69 13.99
CA HIS C 227 17.43 -14.82 14.80
C HIS C 227 16.61 -13.85 15.66
N SER C 228 17.20 -13.39 16.76
N SER C 228 17.19 -13.38 16.76
CA SER C 228 16.49 -12.44 17.63
CA SER C 228 16.59 -12.29 17.54
C SER C 228 17.29 -11.15 17.82
C SER C 228 17.67 -11.56 18.34
N HIS D 5 41.88 -2.42 0.60
CA HIS D 5 40.45 -2.02 0.78
C HIS D 5 39.85 -1.51 -0.53
N HIS D 6 38.62 -1.93 -0.81
CA HIS D 6 37.88 -1.44 -1.98
C HIS D 6 37.77 0.09 -1.95
N HIS D 7 37.50 0.63 -0.77
CA HIS D 7 37.22 2.07 -0.58
C HIS D 7 38.40 2.83 -0.03
N HIS D 8 38.84 3.87 -0.75
CA HIS D 8 39.99 4.66 -0.29
C HIS D 8 39.68 5.51 0.97
N HIS D 9 38.39 5.70 1.31
CA HIS D 9 38.01 6.38 2.56
C HIS D 9 38.45 5.66 3.85
N HIS D 10 38.86 4.40 3.72
CA HIS D 10 39.41 3.63 4.84
C HIS D 10 40.88 3.98 5.15
N THR D 11 41.70 4.14 4.12
CA THR D 11 43.16 4.29 4.30
C THR D 11 43.78 5.58 3.72
N ASP D 12 42.96 6.43 3.10
CA ASP D 12 43.43 7.71 2.54
C ASP D 12 43.80 8.68 3.67
N PRO D 13 45.07 9.16 3.68
CA PRO D 13 45.53 10.14 4.67
C PRO D 13 44.64 11.40 4.72
N MET D 14 44.10 11.77 3.56
CA MET D 14 43.21 12.93 3.47
C MET D 14 41.72 12.57 3.62
N SER D 15 41.42 11.33 4.02
CA SER D 15 40.01 10.91 4.17
C SER D 15 39.28 11.80 5.19
N VAL D 16 38.07 12.23 4.82
CA VAL D 16 37.28 13.11 5.67
C VAL D 16 36.41 12.31 6.65
N ILE D 17 36.34 10.99 6.49
CA ILE D 17 35.64 10.16 7.49
C ILE D 17 36.65 9.73 8.56
N LYS D 18 36.50 10.26 9.76
CA LYS D 18 37.37 9.97 10.91
C LYS D 18 36.69 8.98 11.85
N PRO D 19 37.48 8.30 12.71
CA PRO D 19 36.83 7.36 13.64
C PRO D 19 35.85 8.01 14.63
N ASP D 20 36.08 9.27 15.00
CA ASP D 20 35.14 10.00 15.86
C ASP D 20 34.66 11.27 15.17
N MET D 21 33.34 11.42 15.05
N MET D 21 33.34 11.40 15.05
CA MET D 21 32.76 12.59 14.39
CA MET D 21 32.70 12.53 14.39
C MET D 21 31.54 13.12 15.14
C MET D 21 31.66 13.17 15.30
N LYS D 22 31.24 14.40 14.94
N LYS D 22 31.21 14.36 14.92
CA LYS D 22 30.13 15.04 15.65
CA LYS D 22 30.15 15.06 15.64
C LYS D 22 28.93 15.17 14.75
C LYS D 22 28.93 15.18 14.75
N ILE D 23 27.79 15.51 15.36
CA ILE D 23 26.53 15.68 14.66
C ILE D 23 25.84 16.93 15.19
N LYS D 24 25.35 17.77 14.27
CA LYS D 24 24.46 18.88 14.64
C LYS D 24 23.22 18.80 13.76
N LEU D 25 22.02 18.85 14.34
CA LEU D 25 20.83 18.75 13.52
C LEU D 25 19.70 19.67 13.95
N ARG D 26 18.85 20.01 12.98
CA ARG D 26 17.58 20.69 13.31
C ARG D 26 16.47 20.04 12.51
N MET D 27 15.40 19.68 13.20
CA MET D 27 14.18 19.18 12.57
C MET D 27 13.07 20.23 12.71
N GLU D 28 12.41 20.54 11.61
CA GLU D 28 11.17 21.33 11.65
C GLU D 28 10.09 20.42 11.10
N GLY D 29 8.89 20.48 11.66
CA GLY D 29 7.91 19.49 11.31
C GLY D 29 6.52 19.83 11.79
N ALA D 30 5.60 18.95 11.46
CA ALA D 30 4.25 19.02 11.98
C ALA D 30 3.69 17.60 12.02
N VAL D 31 2.83 17.34 12.99
CA VAL D 31 2.07 16.09 13.05
C VAL D 31 0.60 16.44 13.25
N ASN D 32 -0.25 15.91 12.37
CA ASN D 32 -1.67 16.25 12.33
C ASN D 32 -1.92 17.77 12.31
N GLY D 33 -1.05 18.49 11.62
CA GLY D 33 -1.17 19.96 11.51
C GLY D 33 -0.58 20.78 12.65
N HIS D 34 -0.01 20.14 13.66
N HIS D 34 0.00 20.10 13.65
CA HIS D 34 0.55 20.93 14.73
CA HIS D 34 0.63 20.76 14.82
C HIS D 34 2.07 20.97 14.64
C HIS D 34 2.14 20.92 14.62
N PRO D 35 2.63 22.17 14.39
CA PRO D 35 4.05 22.38 14.16
C PRO D 35 4.94 22.22 15.39
N PHE D 36 6.20 21.88 15.15
CA PHE D 36 7.18 21.75 16.24
C PHE D 36 8.57 21.84 15.63
N ALA D 37 9.57 21.99 16.49
CA ALA D 37 10.97 22.02 16.04
C ALA D 37 11.84 21.43 17.13
N ILE D 38 12.88 20.71 16.70
CA ILE D 38 13.77 19.99 17.61
C ILE D 38 15.19 20.21 17.15
N GLU D 39 16.09 20.50 18.08
CA GLU D 39 17.51 20.60 17.76
C GLU D 39 18.32 19.53 18.47
N GLY D 40 19.37 19.07 17.80
CA GLY D 40 20.16 17.98 18.34
C GLY D 40 21.65 18.15 18.17
N VAL D 41 22.40 17.64 19.12
N VAL D 41 22.39 17.59 19.11
CA VAL D 41 23.85 17.56 19.02
CA VAL D 41 23.85 17.58 19.05
C VAL D 41 24.26 16.16 19.43
C VAL D 41 24.31 16.20 19.49
N GLY D 42 25.24 15.60 18.73
CA GLY D 42 25.66 14.24 19.02
C GLY D 42 27.08 13.90 18.62
N LEU D 43 27.41 12.63 18.85
CA LEU D 43 28.75 12.09 18.61
C LEU D 43 28.59 10.70 18.06
N GLY D 44 29.48 10.30 17.16
CA GLY D 44 29.36 8.97 16.62
C GLY D 44 30.67 8.41 16.13
N LYS D 45 30.63 7.12 15.79
CA LYS D 45 31.77 6.40 15.31
C LYS D 45 31.37 5.74 13.99
N PRO D 46 31.65 6.43 12.86
CA PRO D 46 31.17 5.96 11.54
C PRO D 46 31.62 4.57 11.15
N PHE D 47 32.87 4.20 11.45
CA PHE D 47 33.34 2.87 11.12
C PHE D 47 32.81 1.76 12.03
N GLU D 48 32.35 2.13 13.23
N GLU D 48 32.33 2.14 13.21
CA GLU D 48 31.76 1.16 14.15
CA GLU D 48 31.74 1.17 14.14
C GLU D 48 30.23 1.15 14.08
C GLU D 48 30.24 1.08 13.99
N GLY D 49 29.66 2.08 13.32
CA GLY D 49 28.22 2.13 13.09
C GLY D 49 27.45 2.47 14.35
N LYS D 50 27.94 3.43 15.13
CA LYS D 50 27.31 3.79 16.39
C LYS D 50 27.22 5.30 16.51
N GLN D 51 26.13 5.76 17.10
CA GLN D 51 25.97 7.18 17.38
C GLN D 51 25.07 7.42 18.58
N SER D 52 25.26 8.56 19.22
N SER D 52 25.27 8.55 19.22
CA SER D 52 24.44 8.97 20.36
CA SER D 52 24.38 8.97 20.29
C SER D 52 24.18 10.47 20.28
C SER D 52 24.11 10.44 20.10
N MET D 53 22.95 10.90 20.52
CA MET D 53 22.63 12.32 20.45
C MET D 53 21.71 12.78 21.55
N ASP D 54 21.82 14.07 21.88
CA ASP D 54 20.92 14.73 22.82
C ASP D 54 20.00 15.65 22.03
N LEU D 55 18.70 15.50 22.25
CA LEU D 55 17.68 16.20 21.48
C LEU D 55 16.82 17.06 22.40
N LYS D 56 16.56 18.29 21.96
N LYS D 56 16.57 18.30 21.98
CA LYS D 56 15.77 19.25 22.73
CA LYS D 56 15.77 19.25 22.77
C LYS D 56 14.64 19.83 21.90
C LYS D 56 14.65 19.85 21.92
N VAL D 57 13.42 19.76 22.42
CA VAL D 57 12.27 20.40 21.78
C VAL D 57 12.35 21.93 21.94
N LYS D 58 12.37 22.63 20.82
CA LYS D 58 12.54 24.09 20.82
C LYS D 58 11.23 24.82 20.59
N GLU D 59 10.31 24.18 19.85
CA GLU D 59 9.00 24.76 19.53
C GLU D 59 7.97 23.63 19.52
N GLY D 60 6.76 23.93 19.94
CA GLY D 60 5.64 22.97 19.85
C GLY D 60 5.52 21.98 20.99
N GLY D 61 6.29 22.17 22.06
CA GLY D 61 6.22 21.30 23.24
C GLY D 61 5.11 21.74 24.18
N PRO D 62 4.59 20.81 25.01
CA PRO D 62 4.97 19.40 25.07
C PRO D 62 4.41 18.66 23.85
N LEU D 63 5.24 17.81 23.23
CA LEU D 63 4.78 17.13 22.00
C LEU D 63 3.57 16.23 22.31
N PRO D 64 2.50 16.34 21.52
CA PRO D 64 1.28 15.57 21.77
C PRO D 64 1.25 14.16 21.15
N PHE D 65 2.36 13.71 20.59
CA PHE D 65 2.41 12.41 19.91
C PHE D 65 3.63 11.63 20.36
N ALA D 66 3.64 10.33 20.06
CA ALA D 66 4.74 9.41 20.37
C ALA D 66 6.06 9.86 19.76
N TYR D 67 7.05 10.12 20.62
CA TYR D 67 8.37 10.51 20.14
C TYR D 67 8.98 9.46 19.20
N ASP D 68 8.61 8.19 19.37
CA ASP D 68 9.18 7.12 18.54
C ASP D 68 9.00 7.31 17.03
N ILE D 69 7.98 8.06 16.62
CA ILE D 69 7.80 8.27 15.17
C ILE D 69 8.89 9.15 14.56
N LEU D 70 9.68 9.82 15.40
CA LEU D 70 10.72 10.76 14.93
C LEU D 70 12.13 10.17 14.91
N THR D 71 12.34 9.08 15.65
CA THR D 71 13.73 8.71 15.99
C THR D 71 14.59 8.26 14.78
N MET D 72 13.99 7.55 13.82
N MET D 72 13.99 7.57 13.82
CA MET D 72 14.72 7.17 12.60
CA MET D 72 14.74 7.18 12.64
C MET D 72 14.97 8.36 11.68
C MET D 72 14.96 8.35 11.68
N ALA D 73 14.21 9.44 11.86
CA ALA D 73 14.51 10.65 11.11
C ALA D 73 15.80 11.30 11.67
N PHE D 74 15.95 11.28 13.01
CA PHE D 74 17.20 11.76 13.65
C PHE D 74 18.38 10.85 13.36
N ASN D 76 21.16 8.89 9.47
CA ASN D 76 22.40 9.14 8.68
C ASN D 76 23.19 7.87 8.56
N ARG D 77 23.12 7.27 7.38
CA ARG D 77 23.71 5.95 7.14
C ARG D 77 25.24 5.96 7.00
N VAL D 78 25.86 7.13 7.16
CA VAL D 78 27.30 7.14 7.35
C VAL D 78 27.68 6.42 8.67
N PHE D 79 26.77 6.43 9.64
CA PHE D 79 26.97 5.67 10.89
C PHE D 79 26.38 4.26 10.76
N ALA D 80 26.98 3.48 9.87
CA ALA D 80 26.66 2.07 9.72
C ALA D 80 27.97 1.38 9.41
N LYS D 81 28.18 0.22 10.02
CA LYS D 81 29.43 -0.50 9.82
C LYS D 81 29.31 -1.31 8.52
N TYR D 82 30.05 -0.89 7.50
CA TYR D 82 30.06 -1.61 6.23
C TYR D 82 31.29 -2.53 6.14
N PRO D 83 31.06 -3.84 5.89
CA PRO D 83 32.16 -4.78 5.69
C PRO D 83 32.85 -4.52 4.36
N GLU D 84 34.05 -5.08 4.19
CA GLU D 84 34.83 -4.79 3.00
C GLU D 84 34.18 -5.25 1.69
N ASN D 85 33.30 -6.24 1.76
CA ASN D 85 32.68 -6.83 0.57
C ASN D 85 31.37 -6.15 0.12
N ILE D 86 31.01 -5.05 0.78
CA ILE D 86 29.84 -4.27 0.36
C ILE D 86 30.23 -2.83 0.07
N VAL D 87 29.84 -2.32 -1.08
CA VAL D 87 30.08 -0.91 -1.46
C VAL D 87 29.32 0.01 -0.51
N ASP D 88 30.02 1.04 -0.02
CA ASP D 88 29.48 1.96 0.98
C ASP D 88 29.14 3.28 0.28
N TYR D 89 27.87 3.44 -0.08
CA TYR D 89 27.39 4.62 -0.82
C TYR D 89 27.61 5.90 -0.01
N PHE D 90 27.44 5.80 1.30
CA PHE D 90 27.39 6.97 2.20
C PHE D 90 28.76 7.53 2.54
N LYS D 91 29.71 6.66 2.90
CA LYS D 91 31.02 7.19 3.23
C LYS D 91 31.70 7.79 1.98
N GLN D 92 31.34 7.27 0.80
CA GLN D 92 31.91 7.80 -0.42
C GLN D 92 31.47 9.23 -0.71
N SER D 93 30.28 9.59 -0.21
CA SER D 93 29.60 10.84 -0.63
CA SER D 93 29.60 10.83 -0.63
C SER D 93 30.21 12.09 -0.03
N PHE D 94 31.02 11.93 1.01
CA PHE D 94 31.60 13.10 1.69
C PHE D 94 32.93 13.56 1.07
N PRO D 95 33.27 14.85 1.20
CA PRO D 95 32.65 15.90 2.03
C PRO D 95 31.34 16.52 1.53
N GLU D 96 31.02 16.35 0.24
CA GLU D 96 29.81 16.96 -0.34
C GLU D 96 28.54 16.54 0.37
N GLY D 97 28.42 15.25 0.64
CA GLY D 97 27.31 14.71 1.40
C GLY D 97 26.22 14.12 0.53
N TYR D 98 25.03 13.93 1.12
CA TYR D 98 23.92 13.29 0.39
C TYR D 98 22.61 13.75 1.02
N SER D 99 21.49 13.42 0.40
CA SER D 99 20.19 13.71 1.00
C SER D 99 19.36 12.46 0.99
N TRP D 100 18.29 12.45 1.79
CA TRP D 100 17.31 11.39 1.65
C TRP D 100 15.87 11.91 1.72
N GLU D 101 14.95 11.12 1.17
CA GLU D 101 13.51 11.39 1.19
C GLU D 101 12.87 10.10 1.64
N ARG D 102 11.81 10.20 2.43
CA ARG D 102 11.31 8.98 3.07
C ARG D 102 9.82 9.07 3.33
N SER D 103 9.12 7.96 3.09
N SER D 103 9.11 7.98 3.08
CA SER D 103 7.72 7.80 3.49
CA SER D 103 7.75 7.83 3.56
C SER D 103 7.58 6.64 4.46
C SER D 103 7.71 6.72 4.58
N MET D 104 6.77 6.85 5.51
CA MET D 104 6.56 5.90 6.58
C MET D 104 5.05 5.70 6.69
N ILE D 105 4.59 4.51 6.31
CA ILE D 105 3.16 4.21 6.24
C ILE D 105 2.77 3.26 7.35
N TYR D 106 1.96 3.76 8.28
CA TYR D 106 1.57 3.00 9.48
C TYR D 106 0.28 2.24 9.20
N GLU D 107 0.09 1.11 9.90
CA GLU D 107 -0.98 0.22 9.52
C GLU D 107 -2.38 0.77 9.78
N ASP D 108 -2.49 1.82 10.62
CA ASP D 108 -3.80 2.43 10.85
C ASP D 108 -4.05 3.70 10.03
N GLY D 109 -3.20 3.94 9.04
CA GLY D 109 -3.46 5.01 8.05
C GLY D 109 -2.65 6.27 8.27
N GLY D 110 -2.02 6.41 9.43
CA GLY D 110 -1.08 7.53 9.65
C GLY D 110 0.05 7.44 8.63
N ILE D 111 0.44 8.57 8.03
CA ILE D 111 1.56 8.55 7.08
C ILE D 111 2.47 9.71 7.39
N CYS D 112 3.77 9.45 7.48
CA CYS D 112 4.75 10.50 7.71
C CYS D 112 5.65 10.53 6.52
N ASN D 113 5.99 11.75 6.09
N ASN D 113 6.01 11.73 6.08
CA ASN D 113 7.04 11.98 5.11
CA ASN D 113 7.12 11.84 5.15
C ASN D 113 8.16 12.71 5.80
C ASN D 113 8.14 12.86 5.61
N ALA D 114 9.39 12.53 5.32
CA ALA D 114 10.54 13.25 5.90
C ALA D 114 11.65 13.39 4.88
N THR D 115 12.48 14.41 5.07
CA THR D 115 13.64 14.62 4.19
C THR D 115 14.79 15.04 5.11
N ASN D 116 16.00 14.76 4.67
CA ASN D 116 17.18 15.21 5.39
C ASN D 116 18.19 15.59 4.34
N ASP D 117 18.91 16.69 4.60
CA ASP D 117 20.02 17.10 3.75
C ASP D 117 21.23 17.12 4.65
N ILE D 118 22.24 16.32 4.29
CA ILE D 118 23.38 16.09 5.19
C ILE D 118 24.64 16.62 4.55
N THR D 119 25.30 17.54 5.25
CA THR D 119 26.58 18.10 4.80
C THR D 119 27.65 17.88 5.87
N LEU D 120 28.91 18.16 5.54
CA LEU D 120 29.98 18.00 6.49
C LEU D 120 30.71 19.32 6.65
N ASP D 121 30.84 19.77 7.90
CA ASP D 121 31.62 20.96 8.20
C ASP D 121 32.69 20.50 9.19
N GLY D 122 33.93 20.36 8.70
CA GLY D 122 35.03 19.88 9.54
C GLY D 122 34.82 18.43 9.95
N ASP D 123 34.65 18.19 11.25
CA ASP D 123 34.41 16.84 11.76
C ASP D 123 32.95 16.66 12.17
N CYS D 124 32.10 17.59 11.74
CA CYS D 124 30.70 17.63 12.16
C CYS D 124 29.72 17.47 11.01
N TYR D 125 28.87 16.45 11.08
CA TYR D 125 27.76 16.32 10.13
C TYR D 125 26.68 17.33 10.48
N ILE D 126 26.19 18.01 9.46
CA ILE D 126 25.13 19.01 9.62
C ILE D 126 23.88 18.48 8.95
N CYS D 127 22.81 18.30 9.72
CA CYS D 127 21.58 17.70 9.20
C CYS D 127 20.40 18.65 9.29
N GLU D 128 19.74 18.87 8.16
N GLU D 128 19.73 18.89 8.17
CA GLU D 128 18.54 19.71 8.08
CA GLU D 128 18.54 19.73 8.16
C GLU D 128 17.37 18.81 7.74
C GLU D 128 17.37 18.84 7.75
N ILE D 129 16.48 18.61 8.70
CA ILE D 129 15.40 17.62 8.56
C ILE D 129 14.02 18.30 8.50
N ARG D 130 13.18 17.85 7.59
CA ARG D 130 11.75 18.22 7.57
C ARG D 130 10.93 16.97 7.85
N PHE D 131 9.89 17.07 8.69
CA PHE D 131 9.07 15.90 9.06
C PHE D 131 7.60 16.28 9.04
N ASP D 132 6.76 15.52 8.33
CA ASP D 132 5.32 15.81 8.27
C ASP D 132 4.47 14.56 8.36
N GLY D 133 3.68 14.46 9.42
CA GLY D 133 2.81 13.31 9.63
C GLY D 133 1.34 13.73 9.59
N VAL D 134 0.51 12.92 8.94
CA VAL D 134 -0.93 13.23 8.83
C VAL D 134 -1.76 11.99 9.06
N ASN D 135 -3.04 12.20 9.38
CA ASN D 135 -4.03 11.13 9.47
C ASN D 135 -3.76 10.11 10.59
N PHE D 136 -3.05 10.53 11.63
CA PHE D 136 -2.96 9.67 12.82
C PHE D 136 -4.27 9.73 13.60
N PRO D 137 -4.94 8.58 13.78
CA PRO D 137 -6.21 8.55 14.51
C PRO D 137 -6.04 9.00 15.96
N ALA D 138 -7.04 9.69 16.49
CA ALA D 138 -6.96 10.29 17.80
C ALA D 138 -6.75 9.24 18.90
N ASN D 139 -7.26 8.03 18.66
N ASN D 139 -7.24 8.03 18.64
CA ASN D 139 -7.17 6.94 19.64
CA ASN D 139 -7.26 6.91 19.57
C ASN D 139 -6.24 5.80 19.18
C ASN D 139 -6.16 5.89 19.29
N GLY D 140 -5.33 6.16 18.27
CA GLY D 140 -4.25 5.26 17.86
C GLY D 140 -3.02 5.38 18.77
N PRO D 141 -2.09 4.43 18.66
CA PRO D 141 -0.97 4.43 19.61
C PRO D 141 -0.03 5.64 19.49
N VAL D 142 -0.01 6.30 18.34
CA VAL D 142 0.88 7.47 18.20
C VAL D 142 0.31 8.66 18.97
N MET D 143 -0.95 9.03 18.70
CA MET D 143 -1.54 10.18 19.42
C MET D 143 -1.76 9.85 20.90
N GLN D 144 -1.89 8.57 21.23
CA GLN D 144 -2.11 8.16 22.63
C GLN D 144 -0.80 7.84 23.39
N LYS D 145 0.34 8.02 22.72
CA LYS D 145 1.67 7.73 23.31
C LYS D 145 1.76 6.35 23.96
N ARG D 146 1.33 5.34 23.20
CA ARG D 146 1.32 3.95 23.70
C ARG D 146 2.50 3.12 23.16
N THR D 147 3.46 3.77 22.50
CA THR D 147 4.60 3.02 21.92
C THR D 147 5.72 2.86 22.94
N VAL D 148 6.44 1.74 22.86
CA VAL D 148 7.53 1.43 23.79
C VAL D 148 8.90 1.60 23.13
N LYS D 149 9.14 0.87 22.04
N LYS D 149 9.12 0.90 22.01
CA LYS D 149 10.43 0.87 21.34
CA LYS D 149 10.41 0.93 21.32
C LYS D 149 10.26 0.27 19.95
C LYS D 149 10.24 0.31 19.95
N TRP D 150 11.20 0.57 19.06
CA TRP D 150 11.24 -0.12 17.77
C TRP D 150 11.94 -1.46 17.97
N GLU D 151 11.41 -2.53 17.37
CA GLU D 151 12.17 -3.77 17.25
C GLU D 151 13.38 -3.55 16.33
N LEU D 152 14.29 -4.53 16.32
N LEU D 152 14.28 -4.54 16.32
CA LEU D 152 15.43 -4.52 15.40
CA LEU D 152 15.42 -4.53 15.41
C LEU D 152 14.89 -4.38 13.99
C LEU D 152 14.88 -4.38 13.98
N SER D 153 15.38 -3.39 13.26
CA SER D 153 14.83 -3.03 11.94
C SER D 153 15.83 -3.40 10.87
N THR D 154 15.39 -4.19 9.90
CA THR D 154 16.26 -4.62 8.81
C THR D 154 15.87 -3.88 7.54
N GLU D 155 16.74 -2.97 7.11
CA GLU D 155 16.54 -2.15 5.92
C GLU D 155 17.14 -2.91 4.73
N LYS D 156 16.40 -3.00 3.63
N LYS D 156 16.41 -2.99 3.62
CA LYS D 156 16.90 -3.65 2.40
CA LYS D 156 16.93 -3.65 2.42
C LYS D 156 17.15 -2.60 1.35
C LYS D 156 17.15 -2.62 1.34
N LEU D 157 18.40 -2.52 0.88
CA LEU D 157 18.83 -1.49 -0.07
C LEU D 157 19.10 -2.04 -1.47
N TYR D 158 18.64 -1.33 -2.49
CA TYR D 158 18.79 -1.73 -3.89
C TYR D 158 18.86 -0.48 -4.77
N VAL D 159 19.50 -0.64 -5.93
CA VAL D 159 19.68 0.48 -6.83
C VAL D 159 18.55 0.54 -7.85
N ARG D 160 18.06 1.76 -8.07
CA ARG D 160 17.18 2.02 -9.18
C ARG D 160 17.41 3.44 -9.72
N ASP D 161 17.46 3.59 -11.04
CA ASP D 161 17.62 4.94 -11.65
C ASP D 161 18.83 5.72 -11.11
N GLY D 162 19.95 5.01 -10.94
CA GLY D 162 21.19 5.67 -10.56
C GLY D 162 21.27 6.18 -9.15
N VAL D 163 20.26 5.86 -8.32
CA VAL D 163 20.28 6.27 -6.92
C VAL D 163 19.95 5.03 -6.06
N LEU D 164 20.06 5.18 -4.77
CA LEU D 164 19.95 4.03 -3.89
C LEU D 164 18.60 4.13 -3.20
N LYS D 165 17.84 3.04 -3.24
CA LYS D 165 16.52 3.00 -2.61
C LYS D 165 16.57 2.00 -1.46
N SER D 166 15.65 2.11 -0.51
CA SER D 166 15.53 1.06 0.49
C SER D 166 14.10 0.96 0.99
N ASP D 167 13.80 -0.20 1.59
N ASP D 167 13.81 -0.13 1.68
CA ASP D 167 12.50 -0.51 2.19
CA ASP D 167 12.57 -0.19 2.41
C ASP D 167 12.71 -1.18 3.54
C ASP D 167 12.67 -1.22 3.51
N GLY D 168 11.70 -1.15 4.40
CA GLY D 168 11.75 -1.90 5.62
C GLY D 168 10.34 -2.12 6.14
N ASN D 169 10.16 -3.28 6.77
N ASN D 169 10.10 -3.31 6.70
CA ASN D 169 8.88 -3.65 7.39
CA ASN D 169 8.84 -3.58 7.38
C ASN D 169 9.03 -3.61 8.90
C ASN D 169 9.12 -3.56 8.86
N TYR D 170 8.86 -2.43 9.50
CA TYR D 170 9.23 -2.24 10.92
C TYR D 170 8.06 -2.35 11.88
N ALA D 171 8.39 -2.43 13.16
CA ALA D 171 7.35 -2.57 14.17
C ALA D 171 7.72 -1.89 15.49
N LEU D 172 6.75 -1.17 16.02
CA LEU D 172 6.82 -0.64 17.38
C LEU D 172 6.15 -1.59 18.35
N SER D 173 6.82 -1.95 19.43
CA SER D 173 6.11 -2.69 20.47
C SER D 173 5.25 -1.69 21.24
N LEU D 174 4.10 -2.16 21.72
CA LEU D 174 3.12 -1.32 22.43
C LEU D 174 3.07 -1.60 23.93
N GLU D 175 2.73 -0.57 24.70
N GLU D 175 2.83 -0.56 24.72
CA GLU D 175 2.53 -0.68 26.16
CA GLU D 175 2.77 -0.68 26.18
C GLU D 175 1.60 -1.86 26.49
C GLU D 175 1.56 -1.55 26.47
N GLY D 176 2.06 -2.74 27.37
N GLY D 176 1.77 -2.62 27.24
CA GLY D 176 1.25 -3.91 27.74
CA GLY D 176 0.72 -3.62 27.39
C GLY D 176 1.16 -5.02 26.70
C GLY D 176 0.62 -4.54 26.19
N GLY D 177 1.75 -4.80 25.53
CA GLY D 177 1.85 -5.87 24.52
C GLY D 177 1.31 -5.65 23.11
N GLY D 178 1.80 -6.46 22.18
CA GLY D 178 1.40 -6.35 20.79
C GLY D 178 2.35 -5.45 20.04
N HIS D 179 2.14 -5.37 18.72
CA HIS D 179 3.01 -4.55 17.87
C HIS D 179 2.20 -3.66 16.96
N TYR D 180 2.83 -2.58 16.52
CA TYR D 180 2.22 -1.61 15.64
C TYR D 180 3.15 -1.46 14.42
N ARG D 181 2.63 -1.77 13.25
CA ARG D 181 3.44 -1.90 12.03
C ARG D 181 3.56 -0.64 11.18
N CYS D 182 4.78 -0.42 10.65
CA CYS D 182 5.07 0.70 9.77
C CYS D 182 6.00 0.23 8.64
N ASP D 183 5.69 0.64 7.41
CA ASP D 183 6.52 0.34 6.25
C ASP D 183 7.27 1.60 5.86
N PHE D 184 8.59 1.51 5.81
CA PHE D 184 9.46 2.64 5.42
C PHE D 184 9.85 2.51 3.96
N LYS D 185 9.94 3.62 3.25
N LYS D 185 9.92 3.63 3.25
CA LYS D 185 10.50 3.60 1.88
CA LYS D 185 10.48 3.64 1.88
C LYS D 185 11.35 4.85 1.72
C LYS D 185 11.37 4.86 1.81
N THR D 186 12.64 4.67 1.44
CA THR D 186 13.60 5.77 1.39
C THR D 186 14.30 5.82 0.04
N THR D 187 14.59 7.04 -0.42
CA THR D 187 15.53 7.24 -1.54
C THR D 187 16.72 8.03 -1.03
N TYR D 188 17.94 7.58 -1.32
CA TYR D 188 19.17 8.29 -0.95
C TYR D 188 19.82 8.85 -2.20
N LYS D 189 20.29 10.09 -2.13
CA LYS D 189 20.89 10.75 -3.29
C LYS D 189 22.19 11.42 -2.91
N ALA D 190 23.29 10.86 -3.39
CA ALA D 190 24.62 11.46 -3.21
C ALA D 190 24.71 12.77 -3.98
N LYS D 191 25.42 13.74 -3.40
N LYS D 191 25.41 13.75 -3.43
CA LYS D 191 25.70 15.04 -4.05
CA LYS D 191 25.60 15.04 -4.13
C LYS D 191 27.04 15.06 -4.75
C LYS D 191 26.77 15.02 -5.13
N LYS D 192 27.46 13.89 -5.22
CA LYS D 192 28.59 13.74 -6.12
C LYS D 192 28.49 12.35 -6.73
N VAL D 193 29.38 12.07 -7.69
CA VAL D 193 29.35 10.81 -8.39
C VAL D 193 30.02 9.76 -7.53
N VAL D 194 29.28 8.73 -7.14
CA VAL D 194 29.87 7.66 -6.33
C VAL D 194 29.55 6.29 -6.95
N GLN D 195 30.25 5.25 -6.50
CA GLN D 195 29.96 3.90 -6.97
C GLN D 195 28.70 3.38 -6.26
N LEU D 196 27.80 2.81 -7.04
CA LEU D 196 26.55 2.25 -6.49
C LEU D 196 26.77 0.84 -5.97
N PRO D 197 26.12 0.49 -4.85
CA PRO D 197 26.29 -0.84 -4.28
C PRO D 197 25.38 -1.89 -4.90
N ASP D 198 25.73 -3.15 -4.67
N ASP D 198 25.72 -3.15 -4.68
CA ASP D 198 24.83 -4.26 -4.94
CA ASP D 198 24.80 -4.25 -4.99
C ASP D 198 23.79 -4.35 -3.82
C ASP D 198 23.80 -4.36 -3.84
N TYR D 199 22.76 -5.16 -4.05
CA TYR D 199 21.70 -5.38 -3.04
C TYR D 199 22.32 -5.81 -1.72
N HIS D 200 21.83 -5.26 -0.60
CA HIS D 200 22.33 -5.64 0.72
C HIS D 200 21.35 -5.19 1.76
N SER D 201 21.65 -5.51 3.01
CA SER D 201 20.81 -5.05 4.10
C SER D 201 21.60 -4.34 5.18
N VAL D 202 20.86 -3.58 6.00
CA VAL D 202 21.45 -2.98 7.19
C VAL D 202 20.52 -3.25 8.36
N ASP D 203 21.06 -3.85 9.42
CA ASP D 203 20.31 -4.07 10.67
C ASP D 203 20.50 -2.86 11.57
N HIS D 204 19.39 -2.34 12.12
CA HIS D 204 19.39 -1.12 12.95
C HIS D 204 18.80 -1.40 14.34
N HIS D 205 19.52 -0.99 15.38
CA HIS D 205 18.99 -0.99 16.73
C HIS D 205 18.95 0.47 17.16
N ILE D 206 17.74 0.97 17.41
CA ILE D 206 17.57 2.35 17.82
C ILE D 206 16.88 2.36 19.18
N GLU D 207 17.38 3.20 20.09
CA GLU D 207 16.90 3.16 21.45
C GLU D 207 16.89 4.55 22.09
N ILE D 208 15.76 4.94 22.66
CA ILE D 208 15.74 6.09 23.56
C ILE D 208 16.33 5.66 24.90
N ILE D 209 17.54 6.15 25.21
CA ILE D 209 18.25 5.76 26.43
C ILE D 209 17.68 6.46 27.68
N SER D 210 17.37 7.74 27.54
CA SER D 210 16.75 8.50 28.62
C SER D 210 15.92 9.66 28.07
N HIS D 211 14.97 10.12 28.88
CA HIS D 211 14.11 11.22 28.47
C HIS D 211 13.44 11.82 29.69
N ASP D 212 13.06 13.08 29.61
CA ASP D 212 12.25 13.64 30.69
C ASP D 212 10.77 13.31 30.43
N LYS D 213 9.91 13.66 31.38
N LYS D 213 9.92 13.66 31.39
CA LYS D 213 8.50 13.24 31.35
CA LYS D 213 8.50 13.27 31.37
C LYS D 213 7.80 13.51 30.02
C LYS D 213 7.80 13.51 30.02
N ASP D 214 7.95 14.71 29.47
CA ASP D 214 7.28 15.06 28.21
C ASP D 214 8.17 15.02 26.96
N TYR D 215 9.33 14.36 27.08
CA TYR D 215 10.26 14.18 25.95
C TYR D 215 10.84 15.50 25.41
N SER D 216 10.78 16.56 26.20
CA SER D 216 11.48 17.82 25.88
C SER D 216 12.98 17.62 25.70
N ASN D 217 13.52 16.66 26.45
CA ASN D 217 14.93 16.31 26.40
C ASN D 217 15.06 14.80 26.25
N VAL D 218 15.78 14.38 25.22
CA VAL D 218 15.90 12.96 24.88
C VAL D 218 17.35 12.62 24.56
N ASN D 219 17.83 11.49 25.08
CA ASN D 219 19.10 10.93 24.63
C ASN D 219 18.78 9.70 23.79
N LEU D 220 19.24 9.70 22.54
CA LEU D 220 18.94 8.66 21.57
C LEU D 220 20.23 7.96 21.10
N HIS D 221 20.19 6.64 20.97
N HIS D 221 20.20 6.63 20.99
CA HIS D 221 21.36 5.85 20.52
CA HIS D 221 21.35 5.84 20.52
C HIS D 221 20.99 4.93 19.36
C HIS D 221 20.95 5.02 19.30
N GLU D 222 21.90 4.81 18.40
CA GLU D 222 21.67 3.91 17.26
C GLU D 222 22.93 3.11 17.01
N HIS D 223 22.73 1.85 16.66
N HIS D 223 22.75 1.83 16.70
CA HIS D 223 23.80 0.97 16.20
CA HIS D 223 23.86 1.06 16.14
C HIS D 223 23.28 0.38 14.89
C HIS D 223 23.38 0.22 14.97
N ALA D 224 24.15 0.30 13.89
CA ALA D 224 23.76 -0.27 12.60
C ALA D 224 24.91 -0.97 11.93
N GLU D 225 24.62 -2.11 11.31
CA GLU D 225 25.66 -2.87 10.60
C GLU D 225 25.10 -3.44 9.30
N ALA D 226 25.87 -3.30 8.23
CA ALA D 226 25.49 -3.83 6.90
C ALA D 226 25.87 -5.30 6.74
N HIS D 227 25.03 -6.03 6.01
N HIS D 227 25.02 -6.05 6.03
CA HIS D 227 25.19 -7.47 5.76
CA HIS D 227 25.32 -7.45 5.73
C HIS D 227 24.85 -7.80 4.31
C HIS D 227 24.80 -7.85 4.35
N SER D 228 25.45 -8.87 3.77
CA SER D 228 25.00 -9.39 2.48
C SER D 228 25.13 -10.90 2.47
N GLU D 229 24.51 -11.53 1.49
CA GLU D 229 24.55 -13.01 1.37
C GLU D 229 25.99 -13.50 1.30
#